data_6AAK
#
_entry.id   6AAK
#
_cell.length_a   57.076
_cell.length_b   114.644
_cell.length_c   107.358
_cell.angle_alpha   90.00
_cell.angle_beta   97.65
_cell.angle_gamma   90.00
#
_symmetry.space_group_name_H-M   'P 1 21 1'
#
loop_
_entity.id
_entity.type
_entity.pdbx_description
1 polymer 'Tyrosine-protein kinase JAK3'
2 non-polymer 4-[[(1S,3R)-5-oxidanyl-2-adamantyl]amino]-1H-pyrrolo[2,3-b]pyridine-5-carboxamide
3 water water
#
_entity_poly.entity_id   1
_entity_poly.type   'polypeptide(L)'
_entity_poly.pdbx_seq_one_letter_code
;PTIFEERHLKYISQLGKGNFGSVELCRYDPLGDNTGALVAVKQLQHSGPDQQRDFQREIQILKALHSDFIVKYRGVSYGP
GRQSLRLVMEYLPSGCLRDFLQRHRARLDASRLLLYSSQICKGMEYLGSRRCVHRDLAARNILVESEAHVKIADFGLAKL
LPLDKD(PTR)(PTR)VVREPGQSPIFWYAPESLSDNIFSRQSDVWSFGVVLYELFTYCDKSCSPSAEFLRMMGSERDVP
ALSRLLELLEEGQRLPAPPACPAEVHELMKLCWAPSPQDRPSFSALGPQLDMLWS
;
_entity_poly.pdbx_strand_id   A,B,C,D
#
# COMPACT_ATOMS: atom_id res chain seq x y z
N THR A 2 39.74 -2.20 -21.53
CA THR A 2 39.07 -0.85 -21.59
C THR A 2 39.81 0.13 -22.54
N ILE A 3 41.12 0.26 -22.34
CA ILE A 3 42.00 1.05 -23.22
C ILE A 3 43.11 0.13 -23.82
N PHE A 4 43.39 0.33 -25.10
CA PHE A 4 44.25 -0.54 -25.89
C PHE A 4 45.59 0.13 -26.13
N GLU A 5 46.66 -0.67 -26.16
CA GLU A 5 48.01 -0.17 -26.45
C GLU A 5 48.38 -0.41 -27.91
N GLU A 6 49.02 0.58 -28.53
CA GLU A 6 49.42 0.49 -29.94
C GLU A 6 50.39 -0.65 -30.20
N ARG A 7 51.40 -0.78 -29.33
CA ARG A 7 52.43 -1.83 -29.49
C ARG A 7 51.87 -3.26 -29.44
N HIS A 8 50.72 -3.45 -28.79
CA HIS A 8 50.01 -4.73 -28.77
C HIS A 8 48.94 -4.90 -29.85
N LEU A 9 48.82 -3.96 -30.78
CA LEU A 9 47.89 -4.08 -31.93
C LEU A 9 48.65 -4.54 -33.20
N LYS A 10 48.55 -5.84 -33.52
CA LYS A 10 49.21 -6.39 -34.71
C LYS A 10 48.36 -6.11 -35.96
N TYR A 11 48.89 -5.30 -36.88
CA TYR A 11 48.19 -5.00 -38.13
C TYR A 11 48.09 -6.24 -39.00
N ILE A 12 46.90 -6.55 -39.52
CA ILE A 12 46.72 -7.70 -40.41
C ILE A 12 46.46 -7.26 -41.85
N SER A 13 45.38 -6.53 -42.06
CA SER A 13 44.97 -6.11 -43.41
C SER A 13 43.94 -5.01 -43.36
N GLN A 14 43.66 -4.40 -44.51
CA GLN A 14 42.73 -3.27 -44.63
C GLN A 14 41.29 -3.78 -44.74
N LEU A 15 40.34 -3.14 -44.03
CA LEU A 15 38.90 -3.47 -44.14
C LEU A 15 38.13 -2.51 -45.03
N GLY A 16 38.41 -1.22 -44.90
CA GLY A 16 37.84 -0.20 -45.79
C GLY A 16 38.75 1.00 -45.91
N LYS A 17 38.40 1.91 -46.81
CA LYS A 17 39.13 3.16 -47.01
C LYS A 17 38.16 4.28 -47.41
N GLY A 18 38.49 5.51 -47.01
CA GLY A 18 37.74 6.72 -47.36
C GLY A 18 38.65 7.81 -47.91
N ASN A 19 38.05 8.94 -48.27
CA ASN A 19 38.79 10.13 -48.73
C ASN A 19 39.64 10.81 -47.64
N PHE A 20 39.23 10.64 -46.37
CA PHE A 20 40.00 11.12 -45.20
C PHE A 20 40.17 10.10 -44.05
N GLY A 21 39.64 8.87 -44.21
CA GLY A 21 39.67 7.85 -43.14
C GLY A 21 39.85 6.44 -43.65
N SER A 22 40.24 5.52 -42.76
CA SER A 22 40.39 4.11 -43.13
C SER A 22 40.22 3.23 -41.91
N VAL A 23 39.72 2.02 -42.14
CA VAL A 23 39.50 1.00 -41.11
C VAL A 23 40.48 -0.14 -41.38
N GLU A 24 41.02 -0.73 -40.31
CA GLU A 24 42.01 -1.82 -40.44
C GLU A 24 41.58 -2.99 -39.58
N LEU A 25 41.87 -4.19 -40.05
CA LEU A 25 41.71 -5.39 -39.26
C LEU A 25 43.00 -5.62 -38.47
N CYS A 26 42.89 -5.78 -37.15
CA CYS A 26 44.02 -6.18 -36.29
C CYS A 26 43.64 -7.26 -35.28
N ARG A 27 44.64 -7.99 -34.81
CA ARG A 27 44.55 -8.79 -33.57
C ARG A 27 45.20 -7.99 -32.43
N TYR A 28 44.41 -7.64 -31.40
CA TYR A 28 44.98 -7.12 -30.15
C TYR A 28 45.59 -8.29 -29.38
N ASP A 29 46.92 -8.35 -29.33
CA ASP A 29 47.67 -9.56 -28.98
C ASP A 29 48.74 -9.30 -27.91
N PRO A 30 48.31 -8.89 -26.71
CA PRO A 30 49.29 -8.56 -25.66
C PRO A 30 50.16 -9.74 -25.17
N LEU A 31 49.67 -10.98 -25.28
CA LEU A 31 50.46 -12.15 -24.89
C LEU A 31 51.50 -12.49 -25.97
N GLY A 32 51.27 -12.04 -27.22
CA GLY A 32 52.21 -12.26 -28.32
C GLY A 32 52.21 -13.66 -28.93
N ASP A 33 51.29 -14.51 -28.47
CA ASP A 33 51.20 -15.90 -28.92
C ASP A 33 50.08 -16.09 -29.94
N ASN A 34 49.47 -14.98 -30.39
CA ASN A 34 48.48 -14.95 -31.47
C ASN A 34 47.06 -15.39 -31.06
N THR A 35 46.84 -15.53 -29.75
CA THR A 35 45.53 -15.94 -29.20
C THR A 35 44.61 -14.77 -28.91
N GLY A 36 45.06 -13.55 -29.19
CA GLY A 36 44.28 -12.35 -28.99
C GLY A 36 43.03 -12.33 -29.84
N ALA A 37 42.13 -11.39 -29.54
CA ALA A 37 40.90 -11.19 -30.31
C ALA A 37 41.12 -10.25 -31.51
N LEU A 38 40.38 -10.49 -32.59
CA LEU A 38 40.43 -9.61 -33.74
C LEU A 38 39.59 -8.37 -33.44
N VAL A 39 39.92 -7.26 -34.09
CA VAL A 39 39.25 -5.99 -33.87
C VAL A 39 39.32 -5.17 -35.15
N ALA A 40 38.27 -4.42 -35.43
CA ALA A 40 38.31 -3.46 -36.51
C ALA A 40 38.71 -2.15 -35.86
N VAL A 41 39.75 -1.53 -36.40
CA VAL A 41 40.32 -0.33 -35.82
C VAL A 41 40.27 0.77 -36.86
N LYS A 42 39.66 1.91 -36.48
CA LYS A 42 39.49 3.04 -37.39
C LYS A 42 40.40 4.20 -36.99
N GLN A 43 40.89 4.94 -38.00
CA GLN A 43 41.57 6.20 -37.78
C GLN A 43 41.62 7.07 -39.03
N LEU A 44 41.87 8.36 -38.81
CA LEU A 44 41.97 9.36 -39.87
C LEU A 44 43.39 9.49 -40.43
N GLN A 45 43.48 10.10 -41.63
CA GLN A 45 44.71 10.17 -42.41
C GLN A 45 44.68 11.39 -43.33
N HIS A 46 45.56 12.35 -43.05
CA HIS A 46 45.66 13.62 -43.79
C HIS A 46 44.38 14.47 -43.76
N SER A 47 43.58 14.31 -42.71
CA SER A 47 42.30 15.01 -42.57
C SER A 47 42.46 16.42 -42.01
N GLY A 48 41.41 17.23 -42.18
CA GLY A 48 41.34 18.57 -41.58
C GLY A 48 40.74 18.53 -40.18
N PRO A 49 40.70 19.69 -39.49
CA PRO A 49 40.13 19.79 -38.15
C PRO A 49 38.67 19.37 -38.02
N ASP A 50 37.89 19.62 -39.08
CA ASP A 50 36.46 19.27 -39.12
C ASP A 50 36.23 17.78 -38.98
N GLN A 51 37.03 17.01 -39.71
CA GLN A 51 36.99 15.53 -39.66
C GLN A 51 37.40 14.97 -38.29
N GLN A 52 38.43 15.55 -37.70
CA GLN A 52 38.92 15.16 -36.38
C GLN A 52 37.85 15.42 -35.31
N ARG A 53 37.21 16.59 -35.38
CA ARG A 53 36.11 16.91 -34.46
C ARG A 53 34.98 15.92 -34.59
N ASP A 54 34.40 15.80 -35.78
CA ASP A 54 33.36 14.80 -36.06
C ASP A 54 33.73 13.40 -35.56
N PHE A 55 34.98 12.99 -35.79
CA PHE A 55 35.49 11.66 -35.38
C PHE A 55 35.41 11.43 -33.85
N GLN A 56 35.60 12.51 -33.09
CA GLN A 56 35.41 12.44 -31.65
C GLN A 56 33.95 12.31 -31.25
N ARG A 57 33.08 13.10 -31.89
CA ARG A 57 31.62 12.91 -31.77
C ARG A 57 31.24 11.45 -32.03
N GLU A 58 31.76 10.93 -33.14
CA GLU A 58 31.54 9.55 -33.55
C GLU A 58 32.01 8.57 -32.49
N ILE A 59 33.18 8.79 -31.91
CA ILE A 59 33.67 7.87 -30.86
C ILE A 59 32.69 7.88 -29.70
N GLN A 60 32.23 9.07 -29.33
CA GLN A 60 31.39 9.25 -28.14
C GLN A 60 29.96 8.77 -28.28
N ILE A 61 29.38 8.92 -29.47
CA ILE A 61 28.06 8.35 -29.73
C ILE A 61 28.12 6.83 -29.57
N LEU A 62 28.92 6.19 -30.43
CA LEU A 62 29.04 4.72 -30.44
C LEU A 62 29.45 4.13 -29.09
N LYS A 63 30.25 4.87 -28.32
CA LYS A 63 30.65 4.46 -26.99
C LYS A 63 29.42 4.21 -26.11
N ALA A 64 28.38 5.01 -26.34
CA ALA A 64 27.17 5.03 -25.51
C ALA A 64 25.95 4.35 -26.17
N LEU A 65 26.17 3.47 -27.14
CA LEU A 65 25.08 2.73 -27.77
C LEU A 65 25.20 1.28 -27.33
N HIS A 66 24.07 0.72 -26.89
CA HIS A 66 23.99 -0.64 -26.36
C HIS A 66 22.79 -1.36 -26.96
N SER A 67 23.08 -2.13 -28.01
CA SER A 67 22.10 -2.87 -28.78
C SER A 67 22.78 -4.03 -29.40
N ASP A 68 22.11 -5.18 -29.42
CA ASP A 68 22.66 -6.36 -30.08
C ASP A 68 22.74 -6.18 -31.60
N PHE A 69 22.05 -5.17 -32.14
CA PHE A 69 22.03 -4.90 -33.58
C PHE A 69 22.86 -3.67 -33.97
N ILE A 70 23.75 -3.25 -33.08
CA ILE A 70 24.68 -2.14 -33.35
C ILE A 70 26.08 -2.56 -32.92
N VAL A 71 26.99 -2.59 -33.89
CA VAL A 71 28.38 -2.94 -33.70
C VAL A 71 28.96 -2.35 -32.42
N LYS A 72 29.70 -3.17 -31.69
CA LYS A 72 30.11 -2.88 -30.29
C LYS A 72 31.43 -2.05 -30.24
N TYR A 73 31.35 -0.84 -29.71
CA TYR A 73 32.57 -0.09 -29.35
C TYR A 73 33.36 -0.93 -28.40
N ARG A 74 34.66 -1.08 -28.64
CA ARG A 74 35.53 -1.83 -27.71
C ARG A 74 36.40 -0.93 -26.82
N GLY A 75 36.99 0.11 -27.39
CA GLY A 75 37.89 1.02 -26.66
C GLY A 75 38.57 2.04 -27.55
N VAL A 76 39.63 2.69 -27.04
CA VAL A 76 40.49 3.56 -27.86
C VAL A 76 41.99 3.34 -27.60
N SER A 77 42.82 3.74 -28.57
CA SER A 77 44.29 3.70 -28.45
C SER A 77 44.87 5.05 -28.85
N TYR A 78 45.82 5.56 -28.06
CA TYR A 78 46.31 6.95 -28.15
C TYR A 78 47.69 7.05 -28.78
N GLN A 83 49.04 10.54 -28.95
CA GLN A 83 49.39 11.49 -29.99
C GLN A 83 48.37 11.56 -31.15
N SER A 84 47.83 10.41 -31.58
CA SER A 84 46.79 10.35 -32.63
C SER A 84 45.76 9.19 -32.46
N LEU A 85 44.49 9.57 -32.30
CA LEU A 85 43.39 8.71 -31.82
C LEU A 85 42.88 7.64 -32.83
N ARG A 86 42.67 6.42 -32.33
CA ARG A 86 42.10 5.28 -33.09
C ARG A 86 40.89 4.68 -32.34
N LEU A 87 39.79 4.48 -33.06
CA LEU A 87 38.56 3.87 -32.52
C LEU A 87 38.61 2.34 -32.70
N VAL A 88 38.63 1.61 -31.59
CA VAL A 88 38.70 0.14 -31.63
C VAL A 88 37.30 -0.45 -31.44
N MET A 89 36.94 -1.32 -32.38
CA MET A 89 35.62 -1.96 -32.39
C MET A 89 35.79 -3.47 -32.52
N GLU A 90 34.75 -4.20 -32.13
CA GLU A 90 34.69 -5.65 -32.40
C GLU A 90 34.77 -5.90 -33.91
N TYR A 91 35.27 -7.10 -34.26
CA TYR A 91 35.38 -7.57 -35.64
C TYR A 91 34.39 -8.72 -35.88
N LEU A 92 33.43 -8.50 -36.76
CA LEU A 92 32.56 -9.54 -37.32
C LEU A 92 33.20 -10.13 -38.59
N PRO A 93 33.67 -11.41 -38.55
CA PRO A 93 34.43 -12.02 -39.65
C PRO A 93 33.68 -12.40 -40.94
N SER A 94 32.36 -12.45 -40.92
CA SER A 94 31.59 -12.74 -42.13
C SER A 94 31.47 -11.54 -43.08
N GLY A 95 31.79 -10.34 -42.56
CA GLY A 95 31.81 -9.14 -43.40
C GLY A 95 30.45 -8.50 -43.52
N CYS A 96 30.29 -7.64 -44.51
CA CYS A 96 29.05 -6.89 -44.63
C CYS A 96 27.98 -7.70 -45.34
N LEU A 97 26.75 -7.21 -45.23
CA LEU A 97 25.57 -7.91 -45.68
C LEU A 97 25.48 -7.95 -47.19
N ARG A 98 25.88 -6.87 -47.85
CA ARG A 98 25.73 -6.75 -49.30
C ARG A 98 26.48 -7.90 -49.98
N ASP A 99 27.77 -8.03 -49.67
CA ASP A 99 28.61 -9.15 -50.17
C ASP A 99 28.12 -10.54 -49.72
N PHE A 100 27.59 -10.63 -48.51
CA PHE A 100 27.07 -11.91 -47.97
C PHE A 100 25.84 -12.39 -48.78
N LEU A 101 24.87 -11.51 -48.99
CA LEU A 101 23.64 -11.84 -49.74
C LEU A 101 23.96 -12.31 -51.14
N GLN A 102 24.97 -11.70 -51.75
CA GLN A 102 25.43 -12.09 -53.09
C GLN A 102 26.11 -13.45 -53.10
N ARG A 103 26.95 -13.72 -52.11
CA ARG A 103 27.68 -14.99 -52.03
C ARG A 103 26.76 -16.17 -51.71
N HIS A 104 25.86 -16.00 -50.73
CA HIS A 104 25.13 -17.12 -50.12
C HIS A 104 23.62 -17.21 -50.43
N ARG A 105 23.16 -16.52 -51.48
CA ARG A 105 21.73 -16.47 -51.85
C ARG A 105 20.97 -17.80 -51.87
N ALA A 106 21.62 -18.86 -52.35
CA ALA A 106 21.03 -20.21 -52.36
C ALA A 106 20.72 -20.69 -50.94
N ARG A 107 21.62 -20.37 -50.02
CA ARG A 107 21.49 -20.78 -48.62
C ARG A 107 20.45 -19.97 -47.82
N LEU A 108 20.03 -18.80 -48.33
CA LEU A 108 19.16 -17.83 -47.61
C LEU A 108 17.78 -17.64 -48.26
N ASP A 109 16.71 -18.00 -47.54
CA ASP A 109 15.32 -17.87 -48.01
C ASP A 109 14.63 -16.57 -47.54
N ALA A 110 13.44 -16.32 -48.06
CA ALA A 110 12.67 -15.09 -47.78
C ALA A 110 12.42 -14.82 -46.30
N SER A 111 12.19 -15.88 -45.55
CA SER A 111 11.95 -15.79 -44.11
C SER A 111 13.16 -15.18 -43.41
N ARG A 112 14.35 -15.61 -43.78
CA ARG A 112 15.58 -15.07 -43.22
C ARG A 112 15.89 -13.65 -43.66
N LEU A 113 15.40 -13.21 -44.82
CA LEU A 113 15.48 -11.78 -45.18
C LEU A 113 14.59 -10.91 -44.28
N LEU A 114 13.40 -11.42 -43.94
CA LEU A 114 12.54 -10.80 -42.91
C LEU A 114 13.25 -10.64 -41.54
N LEU A 115 14.03 -11.66 -41.18
CA LEU A 115 14.79 -11.66 -39.92
C LEU A 115 15.86 -10.58 -39.92
N TYR A 116 16.56 -10.43 -41.04
CA TYR A 116 17.56 -9.37 -41.14
C TYR A 116 16.87 -8.00 -41.13
N SER A 117 15.74 -7.89 -41.86
CA SER A 117 14.86 -6.71 -41.77
C SER A 117 14.41 -6.40 -40.35
N SER A 118 13.89 -7.42 -39.66
CA SER A 118 13.43 -7.30 -38.27
C SER A 118 14.53 -6.69 -37.42
N GLN A 119 15.74 -7.21 -37.56
CA GLN A 119 16.89 -6.80 -36.73
C GLN A 119 17.48 -5.43 -37.07
N ILE A 120 17.40 -5.02 -38.33
CA ILE A 120 17.89 -3.69 -38.73
C ILE A 120 16.91 -2.63 -38.21
N CYS A 121 15.62 -2.89 -38.37
CA CYS A 121 14.55 -2.01 -37.86
C CYS A 121 14.68 -1.77 -36.37
N LYS A 122 14.91 -2.84 -35.62
CA LYS A 122 15.12 -2.76 -34.18
C LYS A 122 16.36 -1.94 -33.81
N GLY A 123 17.45 -2.12 -34.54
CA GLY A 123 18.62 -1.25 -34.41
C GLY A 123 18.29 0.23 -34.67
N MET A 124 17.59 0.49 -35.78
CA MET A 124 17.14 1.84 -36.10
C MET A 124 16.12 2.43 -35.11
N GLU A 125 15.30 1.57 -34.54
CA GLU A 125 14.38 2.01 -33.48
C GLU A 125 15.22 2.52 -32.29
N TYR A 126 16.22 1.74 -31.90
CA TYR A 126 17.04 2.10 -30.77
C TYR A 126 17.84 3.41 -31.03
N LEU A 127 18.41 3.53 -32.24
CA LEU A 127 19.06 4.79 -32.66
C LEU A 127 18.09 5.95 -32.57
N GLY A 128 16.83 5.70 -32.90
CA GLY A 128 15.79 6.71 -32.72
C GLY A 128 15.60 7.15 -31.28
N SER A 129 15.58 6.20 -30.37
CA SER A 129 15.40 6.49 -28.95
C SER A 129 16.62 7.20 -28.36
N ARG A 130 17.81 6.99 -28.92
CA ARG A 130 18.97 7.79 -28.55
C ARG A 130 19.06 9.11 -29.31
N ARG A 131 17.95 9.55 -29.93
CA ARG A 131 17.86 10.79 -30.69
C ARG A 131 19.03 10.98 -31.66
N CYS A 132 19.25 9.93 -32.47
CA CYS A 132 20.43 9.83 -33.29
C CYS A 132 20.01 9.45 -34.70
N VAL A 133 20.68 10.05 -35.69
CA VAL A 133 20.36 9.83 -37.11
C VAL A 133 21.60 9.24 -37.75
N HIS A 134 21.44 8.12 -38.45
CA HIS A 134 22.58 7.39 -39.02
C HIS A 134 23.17 8.06 -40.27
N ARG A 135 22.29 8.48 -41.19
CA ARG A 135 22.62 9.18 -42.45
C ARG A 135 23.16 8.31 -43.59
N ASP A 136 23.63 7.10 -43.29
CA ASP A 136 24.23 6.20 -44.30
C ASP A 136 23.72 4.77 -44.10
N LEU A 137 22.41 4.64 -43.94
CA LEU A 137 21.81 3.33 -43.82
C LEU A 137 21.75 2.69 -45.21
N ALA A 138 22.43 1.56 -45.33
CA ALA A 138 22.58 0.80 -46.58
C ALA A 138 23.19 -0.54 -46.26
N ALA A 139 23.01 -1.53 -47.14
CA ALA A 139 23.52 -2.89 -46.90
C ALA A 139 25.04 -2.93 -46.83
N ARG A 140 25.70 -2.03 -47.54
CA ARG A 140 27.16 -1.93 -47.49
C ARG A 140 27.66 -1.53 -46.09
N ASN A 141 26.78 -0.95 -45.26
CA ASN A 141 27.11 -0.63 -43.84
C ASN A 141 26.47 -1.52 -42.75
N ILE A 142 25.79 -2.59 -43.16
CA ILE A 142 25.29 -3.61 -42.23
C ILE A 142 26.32 -4.76 -42.21
N LEU A 143 26.53 -5.33 -41.03
CA LEU A 143 27.47 -6.41 -40.83
C LEU A 143 26.77 -7.69 -40.41
N VAL A 144 27.41 -8.83 -40.69
CA VAL A 144 26.89 -10.16 -40.35
C VAL A 144 27.61 -10.72 -39.14
N GLU A 145 26.96 -10.70 -37.96
CA GLU A 145 27.51 -11.32 -36.73
C GLU A 145 27.50 -12.86 -36.85
N SER A 146 26.38 -13.43 -37.27
CA SER A 146 26.30 -14.85 -37.60
C SER A 146 25.26 -15.01 -38.68
N GLU A 147 25.04 -16.23 -39.16
CA GLU A 147 24.06 -16.46 -40.23
C GLU A 147 22.65 -15.94 -39.88
N ALA A 148 22.32 -15.90 -38.58
CA ALA A 148 21.02 -15.43 -38.11
C ALA A 148 21.10 -14.17 -37.25
N HIS A 149 22.10 -13.32 -37.47
CA HIS A 149 22.24 -12.08 -36.68
C HIS A 149 23.06 -11.01 -37.38
N VAL A 150 22.42 -9.87 -37.71
CA VAL A 150 23.13 -8.74 -38.33
C VAL A 150 23.15 -7.52 -37.44
N LYS A 151 24.04 -6.60 -37.75
CA LYS A 151 24.32 -5.42 -36.93
C LYS A 151 24.62 -4.21 -37.81
N ILE A 152 24.08 -3.05 -37.42
CA ILE A 152 24.39 -1.77 -38.09
C ILE A 152 25.80 -1.27 -37.70
N ALA A 153 26.49 -0.68 -38.68
CA ALA A 153 27.84 -0.14 -38.49
C ALA A 153 28.03 1.19 -39.25
N ASP A 154 29.25 1.72 -39.22
CA ASP A 154 29.65 2.98 -39.89
C ASP A 154 28.84 4.18 -39.37
N PHE A 155 29.27 4.70 -38.23
CA PHE A 155 28.64 5.89 -37.66
C PHE A 155 29.42 7.17 -37.99
N GLY A 156 30.07 7.18 -39.16
CA GLY A 156 30.86 8.33 -39.59
C GLY A 156 30.05 9.60 -39.77
N LEU A 157 28.90 9.48 -40.41
CA LEU A 157 28.02 10.62 -40.72
C LEU A 157 26.85 10.75 -39.73
N ALA A 158 26.86 9.93 -38.68
CA ALA A 158 25.73 9.87 -37.77
C ALA A 158 25.76 11.07 -36.87
N LYS A 159 24.63 11.77 -36.84
CA LYS A 159 24.48 13.02 -36.12
C LYS A 159 23.40 12.84 -35.07
N LEU A 160 23.60 13.45 -33.92
CA LEU A 160 22.55 13.57 -32.90
C LEU A 160 21.69 14.79 -33.16
N LEU A 161 20.39 14.62 -32.98
CA LEU A 161 19.42 15.68 -33.13
C LEU A 161 19.60 16.63 -31.96
N PRO A 162 19.37 17.96 -32.17
CA PRO A 162 19.31 18.86 -31.03
C PRO A 162 18.29 18.38 -30.02
N LEU A 163 18.49 18.74 -28.75
CA LEU A 163 17.58 18.32 -27.71
C LEU A 163 16.12 18.77 -27.94
N ASP A 164 15.93 19.95 -28.56
CA ASP A 164 14.60 20.56 -28.72
C ASP A 164 13.98 20.53 -30.15
N LYS A 165 14.59 19.78 -31.06
CA LYS A 165 14.13 19.68 -32.45
C LYS A 165 14.26 18.26 -32.99
N ASP A 166 13.42 17.92 -33.97
CA ASP A 166 13.36 16.56 -34.55
C ASP A 166 14.03 16.47 -35.92
N VAL A 169 20.04 19.90 -40.23
CA VAL A 169 20.32 20.44 -41.56
C VAL A 169 21.83 20.43 -41.83
N VAL A 170 22.25 19.64 -42.82
CA VAL A 170 23.66 19.52 -43.21
C VAL A 170 24.00 20.60 -44.25
N ARG A 171 24.64 21.68 -43.82
CA ARG A 171 25.02 22.79 -44.72
C ARG A 171 26.07 22.40 -45.78
N GLU A 172 26.94 21.45 -45.44
CA GLU A 172 27.94 20.92 -46.36
C GLU A 172 27.55 19.48 -46.77
N PRO A 173 26.83 19.31 -47.91
CA PRO A 173 26.19 18.03 -48.22
C PRO A 173 27.11 16.84 -48.48
N GLY A 174 26.54 15.63 -48.42
CA GLY A 174 27.30 14.38 -48.49
C GLY A 174 27.62 13.90 -49.91
N GLN A 175 28.88 13.51 -50.12
CA GLN A 175 29.31 12.87 -51.37
C GLN A 175 28.86 11.41 -51.52
N SER A 176 28.33 10.80 -50.44
CA SER A 176 27.86 9.41 -50.48
C SER A 176 26.59 9.24 -51.36
N PRO A 177 26.35 8.02 -51.91
CA PRO A 177 25.36 7.78 -52.97
C PRO A 177 23.95 8.38 -52.79
N ILE A 178 23.49 9.04 -53.85
CA ILE A 178 22.21 9.76 -53.89
C ILE A 178 20.96 8.88 -53.81
N PHE A 179 21.08 7.60 -54.15
CA PHE A 179 19.92 6.74 -54.37
C PHE A 179 19.20 6.31 -53.08
N TRP A 180 19.95 6.28 -51.98
CA TRP A 180 19.41 5.99 -50.66
C TRP A 180 18.77 7.21 -50.03
N TYR A 181 19.14 8.41 -50.46
CA TYR A 181 18.67 9.64 -49.82
C TYR A 181 17.16 9.87 -49.98
N ALA A 182 16.62 10.69 -49.09
CA ALA A 182 15.22 11.13 -49.18
C ALA A 182 15.11 12.43 -49.98
N PRO A 183 13.91 12.73 -50.52
CA PRO A 183 13.70 13.97 -51.28
C PRO A 183 14.03 15.28 -50.55
N GLU A 184 13.76 15.34 -49.24
CA GLU A 184 14.13 16.52 -48.43
C GLU A 184 15.64 16.59 -48.20
N SER A 185 16.30 15.43 -48.11
CA SER A 185 17.77 15.37 -48.07
C SER A 185 18.36 15.86 -49.40
N LEU A 186 17.95 15.22 -50.48
CA LEU A 186 18.40 15.59 -51.83
C LEU A 186 18.19 17.07 -52.14
N SER A 187 17.03 17.60 -51.74
CA SER A 187 16.66 18.97 -52.05
C SER A 187 17.31 19.98 -51.11
N ASP A 188 17.02 19.87 -49.80
CA ASP A 188 17.41 20.89 -48.79
C ASP A 188 18.33 20.39 -47.66
N ASN A 189 18.93 19.21 -47.86
CA ASN A 189 19.85 18.60 -46.89
C ASN A 189 19.27 18.38 -45.48
N ILE A 190 17.95 18.13 -45.43
CA ILE A 190 17.27 17.89 -44.17
C ILE A 190 17.51 16.42 -43.84
N PHE A 191 17.99 16.15 -42.63
CA PHE A 191 18.14 14.77 -42.16
C PHE A 191 17.41 14.61 -40.84
N SER A 192 16.97 13.37 -40.60
CA SER A 192 16.04 13.07 -39.52
C SER A 192 15.87 11.59 -39.36
N ARG A 193 15.17 11.20 -38.31
CA ARG A 193 14.73 9.81 -38.12
C ARG A 193 13.85 9.35 -39.26
N GLN A 194 13.03 10.26 -39.80
CA GLN A 194 12.15 9.96 -40.94
C GLN A 194 12.98 9.78 -42.22
N SER A 195 14.10 10.50 -42.32
CA SER A 195 15.05 10.30 -43.41
C SER A 195 15.64 8.90 -43.35
N ASP A 196 15.99 8.47 -42.15
CA ASP A 196 16.49 7.12 -41.91
C ASP A 196 15.46 6.05 -42.27
N VAL A 197 14.17 6.38 -42.15
CA VAL A 197 13.10 5.47 -42.57
C VAL A 197 13.07 5.31 -44.08
N TRP A 198 13.20 6.41 -44.84
CA TRP A 198 13.26 6.34 -46.31
C TRP A 198 14.33 5.35 -46.74
N SER A 199 15.54 5.56 -46.23
CA SER A 199 16.69 4.71 -46.55
C SER A 199 16.52 3.23 -46.15
N PHE A 200 15.92 2.99 -44.99
CA PHE A 200 15.51 1.63 -44.61
C PHE A 200 14.67 0.99 -45.74
N GLY A 201 13.69 1.72 -46.26
CA GLY A 201 12.96 1.30 -47.45
C GLY A 201 13.89 0.83 -48.56
N VAL A 202 14.94 1.61 -48.84
CA VAL A 202 15.93 1.20 -49.85
C VAL A 202 16.69 -0.05 -49.38
N VAL A 203 17.01 -0.13 -48.10
CA VAL A 203 17.68 -1.32 -47.54
C VAL A 203 16.84 -2.59 -47.73
N LEU A 204 15.52 -2.46 -47.56
CA LEU A 204 14.61 -3.55 -47.82
C LEU A 204 14.78 -4.02 -49.26
N TYR A 205 14.73 -3.06 -50.19
CA TYR A 205 14.89 -3.35 -51.61
C TYR A 205 16.19 -4.12 -51.87
N GLU A 206 17.28 -3.63 -51.29
CA GLU A 206 18.58 -4.32 -51.39
C GLU A 206 18.47 -5.75 -50.92
N LEU A 207 17.93 -5.94 -49.70
CA LEU A 207 17.79 -7.27 -49.11
C LEU A 207 17.03 -8.19 -50.06
N PHE A 208 15.79 -7.83 -50.37
CA PHE A 208 14.94 -8.72 -51.16
C PHE A 208 15.36 -8.90 -52.63
N THR A 209 16.24 -8.03 -53.13
CA THR A 209 16.97 -8.27 -54.38
C THR A 209 18.32 -8.98 -54.16
N TYR A 210 18.56 -9.49 -52.94
CA TYR A 210 19.81 -10.18 -52.59
C TYR A 210 21.07 -9.41 -53.04
N CYS A 211 20.99 -8.08 -52.95
CA CYS A 211 22.02 -7.14 -53.43
C CYS A 211 22.62 -7.45 -54.81
N ASP A 212 21.75 -7.87 -55.74
CA ASP A 212 22.15 -8.18 -57.12
C ASP A 212 22.61 -6.89 -57.78
N LYS A 213 23.77 -6.95 -58.45
CA LYS A 213 24.43 -5.77 -59.04
C LYS A 213 23.55 -5.13 -60.10
N SER A 214 23.16 -5.94 -61.08
CA SER A 214 22.43 -5.47 -62.28
C SER A 214 21.11 -4.75 -61.96
N CYS A 215 20.47 -5.10 -60.85
CA CYS A 215 19.26 -4.41 -60.39
C CYS A 215 19.47 -3.77 -59.00
N SER A 216 20.59 -3.05 -58.86
CA SER A 216 20.87 -2.23 -57.68
C SER A 216 20.01 -0.98 -57.74
N PRO A 217 19.84 -0.29 -56.59
CA PRO A 217 19.12 0.99 -56.63
C PRO A 217 19.71 1.96 -57.66
N SER A 218 21.05 2.06 -57.68
CA SER A 218 21.75 2.90 -58.63
C SER A 218 21.42 2.52 -60.07
N ALA A 219 21.62 1.25 -60.39
CA ALA A 219 21.35 0.73 -61.73
C ALA A 219 19.90 0.97 -62.15
N GLU A 220 18.97 0.77 -61.22
CA GLU A 220 17.54 0.84 -61.51
C GLU A 220 17.06 2.30 -61.66
N PHE A 221 17.48 3.15 -60.73
CA PHE A 221 17.20 4.59 -60.83
C PHE A 221 17.82 5.22 -62.09
N LEU A 222 19.04 4.81 -62.42
CA LEU A 222 19.71 5.22 -63.67
C LEU A 222 18.94 4.78 -64.91
N ARG A 223 18.39 3.58 -64.90
CA ARG A 223 17.54 3.09 -65.99
C ARG A 223 16.24 3.91 -66.13
N MET A 224 15.71 4.40 -65.01
CA MET A 224 14.53 5.29 -65.01
C MET A 224 14.84 6.75 -65.43
N MET A 225 16.09 7.03 -65.77
CA MET A 225 16.51 8.26 -66.46
C MET A 225 17.51 7.92 -67.57
N ARG A 229 18.16 12.51 -72.48
CA ARG A 229 18.50 13.89 -72.13
C ARG A 229 19.52 13.95 -71.01
N ASP A 230 20.12 15.14 -70.83
CA ASP A 230 21.16 15.34 -69.81
C ASP A 230 21.11 16.73 -69.13
N VAL A 231 20.89 16.70 -67.81
CA VAL A 231 20.99 17.85 -66.90
C VAL A 231 21.95 17.35 -65.76
N PRO A 232 21.92 17.95 -64.53
CA PRO A 232 22.69 17.29 -63.45
C PRO A 232 22.19 15.89 -63.09
N ALA A 233 23.11 15.01 -62.68
CA ALA A 233 22.77 13.65 -62.23
C ALA A 233 21.80 13.64 -61.03
N LEU A 234 21.97 14.59 -60.11
CA LEU A 234 21.12 14.71 -58.92
C LEU A 234 19.72 15.17 -59.28
N SER A 235 19.62 16.31 -59.94
CA SER A 235 18.35 16.99 -60.14
C SER A 235 17.39 16.29 -61.12
N ARG A 236 17.89 15.27 -61.82
CA ARG A 236 17.04 14.32 -62.56
C ARG A 236 16.33 13.35 -61.58
N LEU A 237 17.05 12.85 -60.59
CA LEU A 237 16.48 11.90 -59.61
C LEU A 237 15.39 12.53 -58.75
N LEU A 238 15.66 13.71 -58.22
CA LEU A 238 14.72 14.43 -57.37
C LEU A 238 13.46 14.79 -58.16
N GLU A 239 13.65 15.31 -59.37
CA GLU A 239 12.53 15.55 -60.30
C GLU A 239 11.73 14.28 -60.62
N LEU A 240 12.39 13.12 -60.61
CA LEU A 240 11.75 11.82 -60.82
C LEU A 240 11.09 11.23 -59.55
N LEU A 241 11.72 11.41 -58.39
CA LEU A 241 11.09 11.02 -57.13
C LEU A 241 9.81 11.84 -56.86
N GLU A 242 9.85 13.14 -57.18
CA GLU A 242 8.68 14.03 -56.97
C GLU A 242 7.56 13.84 -57.99
N GLU A 243 7.83 13.14 -59.10
CA GLU A 243 6.79 12.70 -60.03
C GLU A 243 5.93 11.62 -59.39
N GLY A 244 6.57 10.71 -58.65
CA GLY A 244 5.90 9.54 -58.07
C GLY A 244 6.64 8.23 -58.29
N GLN A 245 7.54 8.20 -59.28
CA GLN A 245 8.39 7.03 -59.54
C GLN A 245 9.10 6.46 -58.27
N ARG A 246 9.03 5.15 -58.09
CA ARG A 246 9.76 4.48 -57.01
C ARG A 246 10.48 3.25 -57.57
N LEU A 247 11.37 2.67 -56.77
CA LEU A 247 12.00 1.40 -57.15
C LEU A 247 10.93 0.31 -57.35
N PRO A 248 11.19 -0.66 -58.23
CA PRO A 248 10.20 -1.70 -58.46
C PRO A 248 10.09 -2.69 -57.31
N ALA A 249 8.98 -3.42 -57.27
CA ALA A 249 8.87 -4.61 -56.45
C ALA A 249 9.96 -5.56 -56.88
N PRO A 250 10.82 -6.01 -55.96
CA PRO A 250 11.74 -7.09 -56.32
C PRO A 250 11.01 -8.39 -56.64
N PRO A 251 11.62 -9.29 -57.42
CA PRO A 251 10.96 -10.54 -57.82
C PRO A 251 10.78 -11.51 -56.62
N ALA A 252 11.86 -11.69 -55.86
CA ALA A 252 11.84 -12.49 -54.64
C ALA A 252 11.40 -11.67 -53.41
N CYS A 253 10.21 -11.06 -53.49
CA CYS A 253 9.68 -10.18 -52.46
C CYS A 253 8.18 -10.43 -52.26
N PRO A 254 7.73 -10.65 -51.01
CA PRO A 254 6.28 -10.78 -50.79
C PRO A 254 5.57 -9.45 -51.02
N ALA A 255 4.27 -9.53 -51.30
CA ALA A 255 3.49 -8.34 -51.60
C ALA A 255 3.55 -7.32 -50.48
N GLU A 256 3.34 -7.80 -49.25
CA GLU A 256 3.10 -6.93 -48.09
C GLU A 256 4.36 -6.17 -47.65
N VAL A 257 5.53 -6.76 -47.95
CA VAL A 257 6.82 -6.12 -47.70
C VAL A 257 7.07 -4.98 -48.69
N HIS A 258 6.70 -5.19 -49.95
CA HIS A 258 6.74 -4.12 -50.94
C HIS A 258 5.85 -2.94 -50.54
N GLU A 259 4.70 -3.22 -49.94
CA GLU A 259 3.82 -2.18 -49.43
C GLU A 259 4.45 -1.42 -48.28
N LEU A 260 5.22 -2.11 -47.44
CA LEU A 260 5.97 -1.42 -46.39
C LEU A 260 7.07 -0.51 -46.96
N MET A 261 7.72 -0.91 -48.07
CA MET A 261 8.71 -0.05 -48.73
C MET A 261 8.09 1.20 -49.32
N LYS A 262 6.91 1.07 -49.91
CA LYS A 262 6.22 2.23 -50.46
C LYS A 262 5.78 3.22 -49.36
N LEU A 263 5.33 2.67 -48.22
CA LEU A 263 5.00 3.51 -47.05
C LEU A 263 6.26 4.20 -46.52
N CYS A 264 7.34 3.44 -46.36
CA CYS A 264 8.68 3.97 -46.06
C CYS A 264 9.13 5.12 -46.98
N TRP A 265 8.71 5.07 -48.25
CA TRP A 265 9.03 6.10 -49.23
C TRP A 265 7.89 7.10 -49.51
N ALA A 266 7.09 7.43 -48.50
CA ALA A 266 6.06 8.46 -48.69
C ALA A 266 6.73 9.81 -48.99
N PRO A 267 6.06 10.71 -49.75
CA PRO A 267 6.65 12.03 -50.00
C PRO A 267 6.93 12.84 -48.74
N SER A 268 5.93 12.94 -47.87
CA SER A 268 6.03 13.74 -46.65
C SER A 268 6.65 12.88 -45.55
N PRO A 269 7.70 13.36 -44.87
CA PRO A 269 8.25 12.56 -43.77
C PRO A 269 7.23 12.22 -42.67
N GLN A 270 6.31 13.15 -42.40
CA GLN A 270 5.24 12.95 -41.41
C GLN A 270 4.36 11.71 -41.71
N ASP A 271 4.10 11.43 -42.99
CA ASP A 271 3.27 10.28 -43.40
C ASP A 271 4.01 8.95 -43.28
N ARG A 272 5.34 8.98 -43.26
CA ARG A 272 6.16 7.75 -43.18
C ARG A 272 6.04 7.09 -41.82
N PRO A 273 6.08 5.74 -41.78
CA PRO A 273 5.92 5.05 -40.51
C PRO A 273 7.18 5.15 -39.64
N SER A 274 7.00 5.11 -38.33
CA SER A 274 8.13 5.05 -37.40
C SER A 274 8.69 3.64 -37.42
N PHE A 275 9.95 3.50 -37.02
CA PHE A 275 10.53 2.17 -36.77
C PHE A 275 9.77 1.38 -35.72
N SER A 276 9.11 2.07 -34.81
CA SER A 276 8.26 1.42 -33.80
C SER A 276 7.02 0.76 -34.38
N ALA A 277 6.42 1.40 -35.38
CA ALA A 277 5.28 0.83 -36.10
C ALA A 277 5.73 -0.26 -37.07
N LEU A 278 6.83 -0.03 -37.77
CA LEU A 278 7.38 -0.97 -38.75
C LEU A 278 7.65 -2.36 -38.18
N GLY A 279 8.35 -2.38 -37.03
CA GLY A 279 8.73 -3.59 -36.31
C GLY A 279 7.68 -4.67 -36.33
N PRO A 280 6.57 -4.47 -35.63
CA PRO A 280 5.49 -5.48 -35.67
C PRO A 280 5.06 -5.83 -37.09
N GLN A 281 4.91 -4.83 -37.94
CA GLN A 281 4.52 -5.07 -39.33
C GLN A 281 5.50 -5.98 -40.09
N LEU A 282 6.77 -6.00 -39.69
CA LEU A 282 7.73 -6.98 -40.20
C LEU A 282 7.59 -8.30 -39.47
N ASP A 283 7.66 -8.29 -38.15
CA ASP A 283 7.63 -9.52 -37.34
C ASP A 283 6.36 -10.38 -37.48
N MET A 284 5.25 -9.79 -37.93
CA MET A 284 3.97 -10.47 -38.00
C MET A 284 3.63 -10.94 -39.42
N LEU A 285 4.67 -11.21 -40.21
CA LEU A 285 4.53 -11.75 -41.56
C LEU A 285 5.14 -13.16 -41.66
N THR B 2 -12.22 3.13 -40.05
CA THR B 2 -10.73 3.00 -40.13
C THR B 2 -9.99 4.25 -39.60
N ILE B 3 -10.45 5.42 -40.02
CA ILE B 3 -9.90 6.72 -39.56
C ILE B 3 -11.02 7.53 -38.90
N PHE B 4 -10.78 7.95 -37.66
CA PHE B 4 -11.82 8.52 -36.81
C PHE B 4 -11.59 10.01 -36.60
N GLU B 5 -12.55 10.81 -37.05
CA GLU B 5 -12.46 12.26 -36.96
C GLU B 5 -12.62 12.61 -35.50
N GLU B 6 -11.74 13.46 -34.99
CA GLU B 6 -11.75 13.85 -33.58
C GLU B 6 -13.07 14.51 -33.17
N ARG B 7 -13.53 15.46 -33.97
CA ARG B 7 -14.73 16.24 -33.63
C ARG B 7 -16.02 15.41 -33.47
N HIS B 8 -16.06 14.21 -34.06
CA HIS B 8 -17.23 13.33 -33.97
C HIS B 8 -17.16 12.27 -32.86
N LEU B 9 -16.02 12.21 -32.15
CA LEU B 9 -15.89 11.37 -30.95
C LEU B 9 -16.39 12.16 -29.75
N LYS B 10 -17.64 11.89 -29.34
CA LYS B 10 -18.25 12.52 -28.16
C LYS B 10 -17.85 11.75 -26.91
N TYR B 11 -17.19 12.44 -25.98
CA TYR B 11 -16.73 11.86 -24.73
C TYR B 11 -17.92 11.66 -23.79
N ILE B 12 -17.96 10.52 -23.10
CA ILE B 12 -19.03 10.21 -22.16
C ILE B 12 -18.51 10.17 -20.74
N SER B 13 -17.58 9.26 -20.49
CA SER B 13 -17.03 8.99 -19.16
C SER B 13 -15.74 8.17 -19.31
N GLN B 14 -15.10 7.83 -18.18
CA GLN B 14 -13.81 7.12 -18.17
C GLN B 14 -13.95 5.67 -17.71
N LEU B 15 -13.22 4.78 -18.39
CA LEU B 15 -13.19 3.34 -18.09
C LEU B 15 -11.98 2.91 -17.25
N GLY B 16 -10.85 3.56 -17.50
CA GLY B 16 -9.64 3.38 -16.71
C GLY B 16 -8.69 4.54 -16.87
N LYS B 17 -7.93 4.83 -15.81
CA LYS B 17 -6.88 5.86 -15.82
C LYS B 17 -5.58 5.21 -15.39
N GLY B 18 -4.74 4.88 -16.37
CA GLY B 18 -3.40 4.34 -16.10
C GLY B 18 -2.42 5.38 -15.58
N ASN B 19 -1.16 4.97 -15.49
CA ASN B 19 -0.10 5.81 -14.95
C ASN B 19 0.40 6.83 -15.99
N PHE B 20 0.52 6.37 -17.25
CA PHE B 20 0.91 7.22 -18.39
C PHE B 20 -0.18 7.38 -19.44
N GLY B 21 -1.31 6.69 -19.26
CA GLY B 21 -2.41 6.70 -20.24
C GLY B 21 -3.78 6.60 -19.62
N SER B 22 -4.80 6.67 -20.47
CA SER B 22 -6.19 6.47 -20.03
C SER B 22 -7.05 5.92 -21.16
N VAL B 23 -8.17 5.33 -20.77
CA VAL B 23 -9.14 4.76 -21.70
C VAL B 23 -10.47 5.43 -21.40
N GLU B 24 -11.01 6.12 -22.40
CA GLU B 24 -12.26 6.84 -22.27
C GLU B 24 -13.34 6.12 -23.08
N LEU B 25 -14.54 6.06 -22.52
CA LEU B 25 -15.71 5.59 -23.24
C LEU B 25 -16.20 6.75 -24.10
N CYS B 26 -16.20 6.56 -25.42
CA CYS B 26 -16.76 7.54 -26.34
C CYS B 26 -17.84 6.98 -27.27
N ARG B 27 -18.64 7.89 -27.82
CA ARG B 27 -19.59 7.61 -28.90
C ARG B 27 -19.05 8.26 -30.15
N TYR B 28 -18.76 7.45 -31.17
CA TYR B 28 -18.44 7.99 -32.50
C TYR B 28 -19.76 8.28 -33.23
N ASP B 29 -20.20 9.54 -33.19
CA ASP B 29 -21.50 9.96 -33.74
C ASP B 29 -21.40 11.10 -34.76
N PRO B 30 -20.96 10.78 -36.00
CA PRO B 30 -20.96 11.80 -37.05
C PRO B 30 -22.34 12.27 -37.48
N LEU B 31 -23.32 11.37 -37.47
CA LEU B 31 -24.68 11.69 -37.95
C LEU B 31 -25.48 12.58 -36.99
N GLY B 32 -25.01 12.74 -35.75
CA GLY B 32 -25.66 13.65 -34.77
C GLY B 32 -26.89 13.12 -34.05
N ASP B 33 -27.65 12.27 -34.72
CA ASP B 33 -28.88 11.68 -34.18
C ASP B 33 -28.69 10.76 -32.97
N ASN B 34 -27.44 10.51 -32.58
CA ASN B 34 -27.09 9.71 -31.39
C ASN B 34 -27.10 8.18 -31.60
N THR B 35 -27.26 7.72 -32.84
CA THR B 35 -27.28 6.30 -33.16
C THR B 35 -25.88 5.70 -33.33
N GLY B 36 -24.85 6.57 -33.38
CA GLY B 36 -23.46 6.17 -33.52
C GLY B 36 -23.03 5.17 -32.49
N ALA B 37 -21.97 4.43 -32.79
CA ALA B 37 -21.53 3.30 -31.97
C ALA B 37 -20.68 3.77 -30.78
N LEU B 38 -20.76 3.02 -29.68
CA LEU B 38 -19.88 3.25 -28.54
C LEU B 38 -18.51 2.64 -28.80
N VAL B 39 -17.47 3.34 -28.37
CA VAL B 39 -16.10 2.86 -28.50
C VAL B 39 -15.28 3.22 -27.28
N ALA B 40 -14.31 2.36 -26.98
CA ALA B 40 -13.25 2.65 -26.01
C ALA B 40 -12.09 3.29 -26.77
N VAL B 41 -11.58 4.41 -26.24
CA VAL B 41 -10.51 5.15 -26.90
C VAL B 41 -9.32 5.30 -25.94
N LYS B 42 -8.18 4.70 -26.28
CA LYS B 42 -6.97 4.84 -25.46
C LYS B 42 -6.09 5.98 -25.99
N GLN B 43 -5.49 6.71 -25.06
CA GLN B 43 -4.60 7.83 -25.36
C GLN B 43 -3.62 8.02 -24.19
N LEU B 44 -2.49 8.67 -24.48
CA LEU B 44 -1.45 8.91 -23.48
C LEU B 44 -1.52 10.31 -22.84
N GLN B 45 -0.99 10.41 -21.61
CA GLN B 45 -0.95 11.65 -20.82
C GLN B 45 0.43 11.78 -20.14
N HIS B 46 1.06 12.95 -20.22
CA HIS B 46 2.28 13.25 -19.46
C HIS B 46 3.41 12.23 -19.62
N SER B 47 3.50 11.64 -20.81
CA SER B 47 4.35 10.48 -21.04
C SER B 47 5.67 10.81 -21.71
N GLY B 48 6.68 10.01 -21.40
CA GLY B 48 7.99 10.12 -22.02
C GLY B 48 8.08 9.36 -23.33
N PRO B 49 9.25 9.43 -23.99
CA PRO B 49 9.44 8.80 -25.31
C PRO B 49 9.25 7.28 -25.37
N ASP B 50 9.61 6.57 -24.31
CA ASP B 50 9.46 5.10 -24.22
C ASP B 50 8.02 4.61 -24.32
N GLN B 51 7.10 5.38 -23.74
CA GLN B 51 5.68 5.02 -23.72
C GLN B 51 4.99 5.27 -25.08
N GLN B 52 5.28 6.42 -25.67
CA GLN B 52 4.80 6.75 -27.02
C GLN B 52 5.22 5.68 -28.05
N ARG B 53 6.46 5.22 -27.96
CA ARG B 53 6.96 4.16 -28.84
C ARG B 53 6.26 2.82 -28.59
N ASP B 54 6.14 2.42 -27.34
CA ASP B 54 5.41 1.17 -27.00
C ASP B 54 3.92 1.23 -27.34
N PHE B 55 3.33 2.41 -27.18
CA PHE B 55 1.96 2.67 -27.56
C PHE B 55 1.78 2.44 -29.06
N GLN B 56 2.74 2.85 -29.87
CA GLN B 56 2.68 2.60 -31.33
C GLN B 56 2.82 1.14 -31.73
N ARG B 57 3.53 0.35 -30.91
CA ARG B 57 3.63 -1.10 -31.08
C ARG B 57 2.29 -1.74 -30.76
N GLU B 58 1.62 -1.24 -29.73
CA GLU B 58 0.35 -1.80 -29.28
C GLU B 58 -0.66 -1.72 -30.41
N ILE B 59 -0.83 -0.52 -30.95
CA ILE B 59 -1.78 -0.26 -32.04
C ILE B 59 -1.57 -1.23 -33.20
N GLN B 60 -0.31 -1.50 -33.55
CA GLN B 60 0.02 -2.41 -34.69
C GLN B 60 -0.28 -3.87 -34.32
N ILE B 61 0.16 -4.29 -33.15
CA ILE B 61 -0.16 -5.63 -32.68
C ILE B 61 -1.69 -5.85 -32.74
N LEU B 62 -2.49 -4.93 -32.18
CA LEU B 62 -3.97 -5.09 -32.14
C LEU B 62 -4.60 -5.02 -33.53
N LYS B 63 -4.13 -4.10 -34.35
CA LYS B 63 -4.57 -4.00 -35.73
C LYS B 63 -4.43 -5.34 -36.46
N ALA B 64 -3.37 -6.08 -36.11
CA ALA B 64 -3.00 -7.38 -36.72
C ALA B 64 -3.61 -8.64 -36.08
N LEU B 65 -4.28 -8.53 -34.93
CA LEU B 65 -4.91 -9.68 -34.24
C LEU B 65 -6.38 -9.84 -34.65
N HIS B 66 -6.70 -10.98 -35.23
CA HIS B 66 -8.07 -11.27 -35.65
C HIS B 66 -8.57 -12.56 -35.03
N SER B 67 -9.33 -12.41 -33.95
CA SER B 67 -9.91 -13.54 -33.21
C SER B 67 -11.22 -13.13 -32.54
N ASP B 68 -12.14 -14.07 -32.43
CA ASP B 68 -13.40 -13.84 -31.71
C ASP B 68 -13.18 -13.53 -30.23
N PHE B 69 -12.02 -13.91 -29.70
CA PHE B 69 -11.74 -13.86 -28.27
C PHE B 69 -10.71 -12.78 -27.88
N ILE B 70 -10.42 -11.87 -28.80
CA ILE B 70 -9.56 -10.72 -28.54
C ILE B 70 -10.28 -9.43 -28.93
N VAL B 71 -10.27 -8.46 -28.04
CA VAL B 71 -11.00 -7.21 -28.24
C VAL B 71 -10.58 -6.54 -29.56
N LYS B 72 -11.55 -6.01 -30.30
CA LYS B 72 -11.33 -5.50 -31.67
C LYS B 72 -10.74 -4.10 -31.77
N TYR B 73 -9.66 -3.99 -32.55
CA TYR B 73 -9.22 -2.72 -33.14
C TYR B 73 -10.27 -2.27 -34.15
N ARG B 74 -10.66 -1.00 -34.05
CA ARG B 74 -11.55 -0.34 -35.03
C ARG B 74 -10.86 0.74 -35.84
N GLY B 75 -9.80 1.36 -35.30
CA GLY B 75 -9.16 2.50 -35.96
C GLY B 75 -8.31 3.35 -35.03
N VAL B 76 -7.88 4.49 -35.57
CA VAL B 76 -7.14 5.52 -34.83
C VAL B 76 -7.67 6.92 -35.18
N SER B 77 -7.24 7.89 -34.38
CA SER B 77 -7.63 9.29 -34.53
C SER B 77 -6.38 10.13 -34.27
N TYR B 78 -6.03 10.99 -35.23
CA TYR B 78 -4.82 11.83 -35.11
C TYR B 78 -5.08 13.14 -34.36
N GLY B 79 -6.29 13.25 -33.82
CA GLY B 79 -6.56 14.01 -32.60
C GLY B 79 -6.70 15.51 -32.76
N PRO B 80 -6.82 16.24 -31.62
CA PRO B 80 -6.78 17.70 -31.69
C PRO B 80 -5.44 18.21 -32.24
N GLY B 81 -5.50 19.24 -33.08
CA GLY B 81 -4.34 19.80 -33.77
C GLY B 81 -3.55 18.84 -34.67
N ARG B 82 -4.18 17.76 -35.14
CA ARG B 82 -3.54 16.77 -36.02
C ARG B 82 -2.17 16.24 -35.55
N GLN B 83 -1.96 16.24 -34.23
CA GLN B 83 -0.63 16.02 -33.62
C GLN B 83 -0.58 14.74 -32.78
N SER B 84 -1.54 14.60 -31.86
CA SER B 84 -1.61 13.46 -30.92
C SER B 84 -2.09 12.15 -31.58
N LEU B 85 -2.27 11.10 -30.77
CA LEU B 85 -2.67 9.77 -31.26
C LEU B 85 -3.59 9.03 -30.28
N ARG B 86 -4.80 8.71 -30.76
CA ARG B 86 -5.81 7.99 -29.99
C ARG B 86 -6.12 6.62 -30.66
N LEU B 87 -6.10 5.54 -29.87
CA LEU B 87 -6.36 4.17 -30.33
C LEU B 87 -7.83 3.83 -30.08
N VAL B 88 -8.60 3.67 -31.17
CA VAL B 88 -10.05 3.36 -31.09
C VAL B 88 -10.37 1.86 -31.17
N MET B 89 -11.08 1.37 -30.16
CA MET B 89 -11.45 -0.03 -29.98
C MET B 89 -12.97 -0.18 -29.78
N GLU B 90 -13.45 -1.41 -29.83
CA GLU B 90 -14.85 -1.68 -29.56
C GLU B 90 -15.12 -1.50 -28.09
N TYR B 91 -16.37 -1.14 -27.74
CA TYR B 91 -16.80 -1.08 -26.37
C TYR B 91 -17.69 -2.28 -26.09
N LEU B 92 -17.33 -3.03 -25.06
CA LEU B 92 -18.14 -4.11 -24.48
C LEU B 92 -18.83 -3.65 -23.18
N PRO B 93 -20.18 -3.38 -23.20
CA PRO B 93 -20.90 -2.76 -22.07
C PRO B 93 -21.11 -3.59 -20.81
N SER B 94 -20.98 -4.91 -20.92
CA SER B 94 -21.13 -5.80 -19.78
C SER B 94 -19.91 -5.70 -18.83
N GLY B 95 -18.78 -5.21 -19.34
CA GLY B 95 -17.63 -4.82 -18.52
C GLY B 95 -16.59 -5.90 -18.35
N CYS B 96 -15.77 -5.78 -17.31
CA CYS B 96 -14.70 -6.77 -17.09
C CYS B 96 -15.24 -7.99 -16.36
N LEU B 97 -14.57 -9.10 -16.62
CA LEU B 97 -14.91 -10.40 -16.05
C LEU B 97 -14.79 -10.41 -14.52
N ARG B 98 -13.74 -9.78 -13.99
CA ARG B 98 -13.53 -9.72 -12.53
C ARG B 98 -14.70 -9.10 -11.79
N ASP B 99 -15.28 -8.05 -12.35
CA ASP B 99 -16.47 -7.42 -11.78
C ASP B 99 -17.74 -8.21 -12.11
N PHE B 100 -17.82 -8.73 -13.34
CA PHE B 100 -19.01 -9.46 -13.78
C PHE B 100 -19.27 -10.73 -12.96
N LEU B 101 -18.21 -11.44 -12.58
CA LEU B 101 -18.36 -12.66 -11.79
C LEU B 101 -18.88 -12.38 -10.40
N GLN B 102 -18.41 -11.30 -9.77
CA GLN B 102 -18.85 -10.93 -8.42
C GLN B 102 -20.34 -10.53 -8.39
N ARG B 103 -20.78 -9.78 -9.39
CA ARG B 103 -22.16 -9.31 -9.48
C ARG B 103 -23.15 -10.45 -9.75
N HIS B 104 -22.92 -11.21 -10.83
CA HIS B 104 -23.86 -12.24 -11.28
C HIS B 104 -23.51 -13.66 -10.81
N ARG B 105 -22.72 -13.76 -9.75
CA ARG B 105 -22.23 -15.04 -9.19
C ARG B 105 -23.31 -16.11 -9.09
N ALA B 106 -24.51 -15.69 -8.70
CA ALA B 106 -25.66 -16.58 -8.50
C ALA B 106 -26.14 -17.26 -9.77
N ARG B 107 -26.17 -16.55 -10.89
CA ARG B 107 -26.69 -17.09 -12.16
C ARG B 107 -25.64 -17.77 -13.07
N LEU B 108 -24.49 -18.19 -12.48
CA LEU B 108 -23.34 -18.73 -13.25
C LEU B 108 -22.70 -19.97 -12.58
N ASP B 109 -22.83 -21.13 -13.21
CA ASP B 109 -22.30 -22.39 -12.67
C ASP B 109 -21.08 -22.86 -13.43
N ALA B 110 -20.36 -23.81 -12.83
CA ALA B 110 -19.06 -24.31 -13.32
C ALA B 110 -18.96 -24.47 -14.84
N SER B 111 -20.01 -25.03 -15.44
CA SER B 111 -20.12 -25.15 -16.90
C SER B 111 -19.82 -23.82 -17.57
N ARG B 112 -20.56 -22.79 -17.16
CA ARG B 112 -20.36 -21.43 -17.70
C ARG B 112 -18.93 -20.91 -17.41
N LEU B 113 -18.39 -21.21 -16.24
CA LEU B 113 -16.99 -20.86 -15.94
C LEU B 113 -16.02 -21.59 -16.84
N LEU B 114 -16.31 -22.82 -17.17
CA LEU B 114 -15.43 -23.62 -18.01
C LEU B 114 -15.53 -23.19 -19.47
N LEU B 115 -16.69 -22.66 -19.86
CA LEU B 115 -16.83 -22.00 -21.15
C LEU B 115 -15.90 -20.78 -21.24
N TYR B 116 -15.88 -19.94 -20.21
CA TYR B 116 -15.02 -18.75 -20.23
C TYR B 116 -13.55 -19.16 -20.38
N SER B 117 -13.10 -20.00 -19.45
CA SER B 117 -11.74 -20.53 -19.47
C SER B 117 -11.31 -20.99 -20.87
N SER B 118 -12.18 -21.76 -21.51
CA SER B 118 -11.93 -22.31 -22.85
C SER B 118 -11.84 -21.22 -23.92
N GLN B 119 -12.69 -20.22 -23.84
CA GLN B 119 -12.65 -19.09 -24.79
C GLN B 119 -11.33 -18.32 -24.65
N ILE B 120 -10.93 -18.09 -23.40
CA ILE B 120 -9.70 -17.40 -23.08
C ILE B 120 -8.52 -18.21 -23.57
N CYS B 121 -8.56 -19.51 -23.30
CA CYS B 121 -7.51 -20.43 -23.75
C CYS B 121 -7.36 -20.41 -25.26
N LYS B 122 -8.48 -20.49 -25.98
CA LYS B 122 -8.48 -20.33 -27.44
C LYS B 122 -7.88 -18.98 -27.87
N GLY B 123 -8.31 -17.90 -27.22
CA GLY B 123 -7.72 -16.56 -27.45
C GLY B 123 -6.20 -16.50 -27.27
N MET B 124 -5.75 -17.04 -26.14
CA MET B 124 -4.31 -17.18 -25.85
C MET B 124 -3.56 -18.13 -26.81
N GLU B 125 -4.21 -19.16 -27.31
CA GLU B 125 -3.60 -20.05 -28.29
C GLU B 125 -3.33 -19.25 -29.58
N TYR B 126 -4.31 -18.44 -29.98
CA TYR B 126 -4.14 -17.59 -31.14
C TYR B 126 -2.96 -16.59 -30.96
N LEU B 127 -2.86 -15.96 -29.78
CA LEU B 127 -1.72 -15.06 -29.46
C LEU B 127 -0.36 -15.75 -29.51
N GLY B 128 -0.33 -17.00 -29.04
CA GLY B 128 0.84 -17.84 -29.23
C GLY B 128 1.17 -17.90 -30.71
N SER B 129 0.17 -18.22 -31.53
CA SER B 129 0.39 -18.39 -32.97
C SER B 129 0.94 -17.13 -33.65
N ARG B 130 0.58 -15.95 -33.14
CA ARG B 130 1.15 -14.68 -33.57
C ARG B 130 2.49 -14.32 -32.91
N ARG B 131 3.14 -15.31 -32.27
CA ARG B 131 4.38 -15.14 -31.52
C ARG B 131 4.30 -13.93 -30.58
N CYS B 132 3.17 -13.84 -29.89
CA CYS B 132 2.88 -12.69 -29.06
C CYS B 132 2.69 -13.11 -27.62
N VAL B 133 3.32 -12.37 -26.71
CA VAL B 133 3.14 -12.59 -25.27
C VAL B 133 2.31 -11.45 -24.70
N HIS B 134 1.15 -11.77 -24.13
CA HIS B 134 0.27 -10.76 -23.58
C HIS B 134 0.88 -10.03 -22.37
N ARG B 135 1.42 -10.81 -21.43
CA ARG B 135 2.16 -10.31 -20.26
C ARG B 135 1.29 -9.77 -19.11
N ASP B 136 -0.01 -9.53 -19.33
CA ASP B 136 -0.92 -9.00 -18.29
C ASP B 136 -2.27 -9.75 -18.25
N LEU B 137 -2.24 -11.06 -18.40
CA LEU B 137 -3.45 -11.84 -18.47
C LEU B 137 -4.00 -12.04 -17.08
N ALA B 138 -5.22 -11.56 -16.87
CA ALA B 138 -5.84 -11.48 -15.55
C ALA B 138 -7.33 -11.08 -15.71
N ALA B 139 -8.17 -11.57 -14.80
CA ALA B 139 -9.61 -11.35 -14.91
C ALA B 139 -10.01 -9.87 -15.13
N ARG B 140 -9.21 -8.94 -14.61
CA ARG B 140 -9.49 -7.51 -14.75
C ARG B 140 -9.32 -6.96 -16.18
N ASN B 141 -8.56 -7.67 -17.01
CA ASN B 141 -8.34 -7.33 -18.43
C ASN B 141 -9.13 -8.22 -19.39
N ILE B 142 -9.91 -9.17 -18.85
CA ILE B 142 -10.86 -9.93 -19.65
C ILE B 142 -12.16 -9.15 -19.66
N LEU B 143 -12.75 -9.00 -20.84
CA LEU B 143 -14.04 -8.33 -21.03
C LEU B 143 -15.12 -9.36 -21.36
N VAL B 144 -16.36 -8.98 -21.08
CA VAL B 144 -17.53 -9.81 -21.32
C VAL B 144 -18.31 -9.23 -22.51
N GLU B 145 -18.27 -9.94 -23.63
CA GLU B 145 -19.01 -9.60 -24.86
C GLU B 145 -20.52 -9.85 -24.66
N SER B 146 -20.85 -11.01 -24.11
CA SER B 146 -22.20 -11.32 -23.66
C SER B 146 -22.09 -12.34 -22.53
N GLU B 147 -23.20 -12.85 -22.02
CA GLU B 147 -23.15 -13.84 -20.91
C GLU B 147 -22.47 -15.15 -21.29
N ALA B 148 -22.31 -15.41 -22.60
CA ALA B 148 -21.66 -16.63 -23.09
C ALA B 148 -20.38 -16.38 -23.90
N HIS B 149 -19.92 -15.13 -23.96
CA HIS B 149 -18.73 -14.76 -24.75
C HIS B 149 -17.83 -13.80 -23.96
N VAL B 150 -16.56 -14.16 -23.71
CA VAL B 150 -15.56 -13.24 -23.15
C VAL B 150 -14.38 -12.97 -24.10
N LYS B 151 -13.73 -11.83 -23.89
CA LYS B 151 -12.61 -11.38 -24.74
C LYS B 151 -11.43 -10.91 -23.90
N ILE B 152 -10.22 -11.07 -24.43
CA ILE B 152 -8.99 -10.61 -23.77
C ILE B 152 -8.74 -9.19 -24.24
N ALA B 153 -8.37 -8.31 -23.31
CA ALA B 153 -8.08 -6.91 -23.60
C ALA B 153 -6.74 -6.46 -22.93
N ASP B 154 -6.44 -5.14 -22.96
CA ASP B 154 -5.20 -4.53 -22.42
C ASP B 154 -3.96 -5.16 -23.03
N PHE B 155 -3.58 -4.67 -24.20
CA PHE B 155 -2.35 -5.10 -24.86
C PHE B 155 -1.21 -4.13 -24.63
N GLY B 156 -1.27 -3.36 -23.53
CA GLY B 156 -0.26 -2.36 -23.21
C GLY B 156 1.12 -2.96 -22.94
N LEU B 157 1.15 -4.09 -22.25
CA LEU B 157 2.39 -4.80 -21.92
C LEU B 157 2.72 -5.92 -22.89
N ALA B 158 1.86 -6.13 -23.89
CA ALA B 158 2.07 -7.15 -24.92
C ALA B 158 3.33 -6.92 -25.77
N LYS B 159 4.06 -7.99 -26.04
CA LYS B 159 5.30 -7.94 -26.82
C LYS B 159 5.49 -9.16 -27.72
N LEU B 160 5.90 -8.89 -28.96
CA LEU B 160 6.29 -9.90 -29.94
C LEU B 160 7.70 -10.45 -29.66
N LEU B 161 7.87 -11.74 -29.91
CA LEU B 161 9.12 -12.42 -29.66
C LEU B 161 10.10 -12.11 -30.77
N PRO B 162 11.42 -12.23 -30.51
CA PRO B 162 12.40 -12.23 -31.60
C PRO B 162 12.06 -13.34 -32.58
N LEU B 163 12.27 -13.10 -33.87
CA LEU B 163 11.88 -14.11 -34.87
C LEU B 163 12.64 -15.44 -34.75
N ASP B 164 13.83 -15.42 -34.14
CA ASP B 164 14.66 -16.63 -33.92
C ASP B 164 14.68 -17.21 -32.48
N LYS B 165 13.97 -16.57 -31.54
CA LYS B 165 13.89 -17.04 -30.15
C LYS B 165 12.42 -17.13 -29.66
N ASP B 166 12.20 -17.95 -28.63
CA ASP B 166 10.88 -18.21 -28.04
C ASP B 166 10.64 -17.47 -26.73
N VAL B 169 13.38 -10.98 -22.70
CA VAL B 169 13.81 -10.39 -21.43
C VAL B 169 13.45 -8.91 -21.43
N VAL B 170 12.83 -8.45 -20.35
CA VAL B 170 12.45 -7.05 -20.20
C VAL B 170 13.48 -6.34 -19.30
N ARG B 171 14.10 -5.28 -19.82
CA ARG B 171 15.22 -4.59 -19.16
C ARG B 171 14.80 -3.89 -17.86
N GLU B 172 13.71 -3.12 -17.92
CA GLU B 172 13.09 -2.50 -16.74
C GLU B 172 12.09 -3.51 -16.16
N PRO B 173 12.18 -3.80 -14.84
CA PRO B 173 11.30 -4.81 -14.25
C PRO B 173 9.83 -4.39 -14.23
N GLY B 174 8.98 -5.35 -13.89
CA GLY B 174 7.54 -5.19 -13.91
C GLY B 174 7.00 -4.19 -12.89
N GLN B 175 5.82 -3.66 -13.20
CA GLN B 175 5.06 -2.80 -12.28
C GLN B 175 3.65 -3.32 -11.99
N SER B 176 3.05 -4.04 -12.94
CA SER B 176 1.73 -4.66 -12.73
C SER B 176 1.80 -5.74 -11.62
N PRO B 177 0.67 -5.98 -10.90
CA PRO B 177 0.63 -6.87 -9.74
C PRO B 177 1.45 -8.14 -9.92
N ILE B 178 2.28 -8.44 -8.92
CA ILE B 178 3.24 -9.57 -8.98
C ILE B 178 2.60 -10.97 -8.85
N PHE B 179 1.33 -11.03 -8.49
CA PHE B 179 0.66 -12.28 -8.13
C PHE B 179 0.26 -13.14 -9.35
N TRP B 180 0.30 -12.55 -10.54
CA TRP B 180 0.11 -13.26 -11.80
C TRP B 180 1.44 -13.58 -12.50
N TYR B 181 2.56 -13.12 -11.94
CA TYR B 181 3.86 -13.28 -12.59
C TYR B 181 4.46 -14.65 -12.27
N ALA B 182 5.06 -15.29 -13.27
CA ALA B 182 5.72 -16.59 -13.10
C ALA B 182 7.11 -16.38 -12.46
N PRO B 183 7.72 -17.46 -11.94
CA PRO B 183 8.97 -17.28 -11.16
C PRO B 183 10.16 -16.75 -11.96
N GLU B 184 10.36 -17.29 -13.16
CA GLU B 184 11.39 -16.79 -14.08
C GLU B 184 11.16 -15.33 -14.48
N SER B 185 9.89 -14.90 -14.52
CA SER B 185 9.55 -13.48 -14.72
C SER B 185 9.95 -12.65 -13.50
N LEU B 186 9.62 -13.13 -12.30
CA LEU B 186 9.94 -12.41 -11.06
C LEU B 186 11.45 -12.32 -10.81
N SER B 187 12.13 -13.46 -10.95
CA SER B 187 13.56 -13.55 -10.65
C SER B 187 14.44 -12.92 -11.73
N ASP B 188 14.00 -12.98 -12.99
CA ASP B 188 14.83 -12.56 -14.13
C ASP B 188 14.14 -11.74 -15.23
N ASN B 189 12.91 -11.28 -15.00
CA ASN B 189 12.15 -10.52 -16.01
C ASN B 189 12.04 -11.22 -17.37
N ILE B 190 12.02 -12.57 -17.35
CA ILE B 190 11.92 -13.41 -18.56
C ILE B 190 10.45 -13.69 -18.84
N PHE B 191 10.01 -13.43 -20.08
CA PHE B 191 8.61 -13.63 -20.46
C PHE B 191 8.47 -14.47 -21.73
N SER B 192 7.32 -15.13 -21.86
CA SER B 192 7.10 -16.12 -22.91
C SER B 192 5.66 -16.62 -22.93
N ARG B 193 5.33 -17.44 -23.93
CA ARG B 193 4.02 -18.11 -23.97
C ARG B 193 3.85 -19.01 -22.76
N GLN B 194 4.96 -19.57 -22.29
CA GLN B 194 4.96 -20.40 -21.10
C GLN B 194 4.67 -19.56 -19.87
N SER B 195 5.15 -18.31 -19.86
CA SER B 195 4.85 -17.38 -18.77
C SER B 195 3.37 -17.03 -18.77
N ASP B 196 2.80 -16.79 -19.95
CA ASP B 196 1.35 -16.57 -20.09
C ASP B 196 0.54 -17.80 -19.65
N VAL B 197 1.08 -19.00 -19.88
CA VAL B 197 0.46 -20.23 -19.39
C VAL B 197 0.40 -20.24 -17.86
N TRP B 198 1.46 -19.81 -17.16
CA TRP B 198 1.43 -19.64 -15.69
C TRP B 198 0.29 -18.75 -15.22
N SER B 199 0.21 -17.56 -15.82
CA SER B 199 -0.83 -16.58 -15.50
C SER B 199 -2.24 -17.06 -15.76
N PHE B 200 -2.43 -17.91 -16.78
CA PHE B 200 -3.73 -18.50 -17.08
C PHE B 200 -4.22 -19.43 -15.94
N GLY B 201 -3.28 -20.13 -15.30
CA GLY B 201 -3.55 -20.86 -14.07
C GLY B 201 -4.26 -19.95 -13.08
N VAL B 202 -3.73 -18.73 -12.93
CA VAL B 202 -4.27 -17.77 -11.96
C VAL B 202 -5.68 -17.32 -12.36
N VAL B 203 -5.92 -17.02 -13.64
CA VAL B 203 -7.28 -16.64 -14.05
C VAL B 203 -8.29 -17.78 -13.92
N LEU B 204 -7.83 -19.02 -14.04
CA LEU B 204 -8.69 -20.16 -13.69
C LEU B 204 -9.06 -20.11 -12.23
N TYR B 205 -8.10 -19.79 -11.37
CA TYR B 205 -8.35 -19.67 -9.94
C TYR B 205 -9.33 -18.52 -9.67
N GLU B 206 -9.08 -17.38 -10.31
CA GLU B 206 -9.94 -16.20 -10.19
C GLU B 206 -11.36 -16.59 -10.56
N LEU B 207 -11.47 -17.26 -11.71
CA LEU B 207 -12.76 -17.70 -12.27
C LEU B 207 -13.53 -18.54 -11.29
N PHE B 208 -12.89 -19.61 -10.81
CA PHE B 208 -13.56 -20.54 -9.91
C PHE B 208 -13.64 -20.07 -8.45
N THR B 209 -13.00 -18.95 -8.12
CA THR B 209 -13.30 -18.20 -6.86
C THR B 209 -14.29 -17.07 -7.09
N TYR B 210 -14.77 -16.94 -8.33
CA TYR B 210 -15.67 -15.85 -8.75
C TYR B 210 -15.12 -14.45 -8.44
N CYS B 211 -13.79 -14.30 -8.50
CA CYS B 211 -13.09 -13.07 -8.13
C CYS B 211 -13.53 -12.50 -6.76
N ASP B 212 -13.84 -13.41 -5.83
CA ASP B 212 -14.14 -13.04 -4.47
C ASP B 212 -12.85 -12.46 -3.90
N LYS B 213 -12.96 -11.27 -3.33
CA LYS B 213 -11.79 -10.51 -2.85
C LYS B 213 -11.09 -11.19 -1.67
N SER B 214 -11.87 -11.80 -0.79
CA SER B 214 -11.34 -12.43 0.42
C SER B 214 -10.44 -13.64 0.17
N CYS B 215 -10.54 -14.24 -1.02
CA CYS B 215 -9.62 -15.31 -1.42
C CYS B 215 -9.00 -15.04 -2.80
N SER B 216 -8.69 -13.77 -3.06
CA SER B 216 -7.99 -13.36 -4.28
C SER B 216 -6.53 -13.79 -4.19
N PRO B 217 -5.80 -13.85 -5.34
CA PRO B 217 -4.36 -14.18 -5.29
C PRO B 217 -3.59 -13.22 -4.38
N SER B 218 -3.86 -11.93 -4.54
CA SER B 218 -3.39 -10.88 -3.63
C SER B 218 -3.56 -11.33 -2.18
N ALA B 219 -4.82 -11.64 -1.85
CA ALA B 219 -5.23 -11.95 -0.48
C ALA B 219 -4.57 -13.20 0.04
N GLU B 220 -4.38 -14.18 -0.83
CA GLU B 220 -3.94 -15.50 -0.39
C GLU B 220 -2.44 -15.52 -0.22
N PHE B 221 -1.74 -15.08 -1.26
CA PHE B 221 -0.28 -14.97 -1.21
C PHE B 221 0.22 -14.09 -0.05
N LEU B 222 -0.39 -12.92 0.18
CA LEU B 222 0.00 -12.02 1.28
C LEU B 222 -0.18 -12.67 2.67
N ARG B 223 -1.17 -13.55 2.79
CA ARG B 223 -1.34 -14.37 3.97
C ARG B 223 -0.25 -15.46 4.11
N MET B 224 0.34 -15.89 2.99
CA MET B 224 1.35 -16.96 2.97
C MET B 224 2.75 -16.39 3.02
N MET B 225 2.99 -15.34 2.25
CA MET B 225 4.20 -14.53 2.36
C MET B 225 4.30 -14.03 3.79
N GLY B 226 3.23 -13.35 4.20
CA GLY B 226 3.18 -12.66 5.48
C GLY B 226 4.07 -11.45 5.47
N SER B 227 3.91 -10.63 6.49
CA SER B 227 4.94 -9.65 6.83
C SER B 227 5.86 -10.37 7.82
N GLU B 228 7.09 -9.88 7.96
CA GLU B 228 8.14 -10.63 8.67
C GLU B 228 7.87 -10.67 10.17
N ASP B 230 14.02 -6.29 6.47
CA ASP B 230 12.82 -6.21 5.64
C ASP B 230 13.11 -6.55 4.19
N VAL B 231 12.68 -7.74 3.78
CA VAL B 231 12.81 -8.22 2.40
C VAL B 231 11.64 -7.65 1.59
N PRO B 232 11.86 -7.28 0.30
CA PRO B 232 10.74 -6.80 -0.52
C PRO B 232 9.67 -7.86 -0.75
N ALA B 233 8.44 -7.41 -1.02
CA ALA B 233 7.32 -8.31 -1.29
C ALA B 233 7.53 -9.18 -2.56
N LEU B 234 8.27 -8.65 -3.53
CA LEU B 234 8.60 -9.39 -4.74
C LEU B 234 9.54 -10.56 -4.42
N SER B 235 10.51 -10.30 -3.54
CA SER B 235 11.53 -11.30 -3.19
C SER B 235 11.00 -12.45 -2.35
N ARG B 236 10.07 -12.20 -1.42
CA ARG B 236 9.52 -13.26 -0.59
C ARG B 236 8.45 -14.10 -1.29
N LEU B 237 7.72 -13.53 -2.24
CA LEU B 237 6.80 -14.31 -3.08
C LEU B 237 7.56 -15.35 -3.89
N LEU B 238 8.67 -14.93 -4.51
CA LEU B 238 9.52 -15.82 -5.29
C LEU B 238 9.99 -16.99 -4.42
N GLU B 239 10.55 -16.65 -3.27
CA GLU B 239 10.99 -17.63 -2.27
C GLU B 239 9.88 -18.62 -1.90
N LEU B 240 8.65 -18.10 -1.76
CA LEU B 240 7.45 -18.90 -1.50
C LEU B 240 7.17 -19.84 -2.67
N LEU B 241 7.24 -19.29 -3.88
CA LEU B 241 6.98 -20.06 -5.11
C LEU B 241 8.03 -21.15 -5.37
N GLU B 242 9.30 -20.87 -5.07
CA GLU B 242 10.37 -21.87 -5.22
C GLU B 242 10.29 -23.02 -4.21
N GLU B 243 9.70 -22.77 -3.03
CA GLU B 243 9.38 -23.86 -2.08
C GLU B 243 8.35 -24.87 -2.60
N GLY B 244 7.58 -24.48 -3.61
CA GLY B 244 6.53 -25.33 -4.19
C GLY B 244 5.14 -24.95 -3.73
N GLN B 245 5.04 -23.82 -3.01
CA GLN B 245 3.76 -23.34 -2.52
C GLN B 245 3.00 -22.65 -3.64
N ARG B 246 1.69 -22.91 -3.67
CA ARG B 246 0.79 -22.43 -4.70
C ARG B 246 -0.47 -21.90 -4.04
N LEU B 247 -1.39 -21.39 -4.86
CA LEU B 247 -2.72 -21.03 -4.39
C LEU B 247 -3.51 -22.31 -4.05
N PRO B 248 -4.34 -22.24 -2.99
CA PRO B 248 -5.02 -23.43 -2.51
C PRO B 248 -6.23 -23.72 -3.38
N ALA B 249 -6.75 -24.94 -3.30
CA ALA B 249 -7.94 -25.31 -4.05
C ALA B 249 -9.12 -24.43 -3.61
N PRO B 250 -9.77 -23.73 -4.55
CA PRO B 250 -10.91 -22.87 -4.21
C PRO B 250 -12.07 -23.64 -3.53
N PRO B 251 -13.03 -22.91 -2.92
CA PRO B 251 -14.17 -23.61 -2.35
C PRO B 251 -14.96 -24.31 -3.46
N ALA B 252 -15.26 -25.59 -3.27
CA ALA B 252 -16.06 -26.37 -4.21
C ALA B 252 -15.48 -26.47 -5.63
N CYS B 253 -14.16 -26.31 -5.78
CA CYS B 253 -13.53 -26.38 -7.10
C CYS B 253 -13.52 -27.82 -7.65
N PRO B 254 -13.96 -28.01 -8.91
CA PRO B 254 -13.84 -29.32 -9.54
C PRO B 254 -12.39 -29.80 -9.55
N ALA B 255 -12.15 -30.96 -8.95
CA ALA B 255 -10.79 -31.46 -8.73
C ALA B 255 -9.94 -31.33 -9.98
N GLU B 256 -10.44 -31.92 -11.07
CA GLU B 256 -9.73 -31.92 -12.35
C GLU B 256 -9.40 -30.54 -12.93
N VAL B 257 -10.11 -29.50 -12.49
CA VAL B 257 -9.76 -28.12 -12.87
C VAL B 257 -8.55 -27.63 -12.05
N HIS B 258 -8.56 -27.94 -10.75
CA HIS B 258 -7.44 -27.63 -9.88
C HIS B 258 -6.14 -28.33 -10.32
N GLU B 259 -6.25 -29.56 -10.81
CA GLU B 259 -5.10 -30.28 -11.36
C GLU B 259 -4.53 -29.63 -12.65
N LEU B 260 -5.39 -29.02 -13.45
CA LEU B 260 -4.94 -28.30 -14.64
C LEU B 260 -4.19 -27.03 -14.26
N MET B 261 -4.61 -26.37 -13.18
CA MET B 261 -3.88 -25.22 -12.65
C MET B 261 -2.48 -25.63 -12.26
N LYS B 262 -2.37 -26.70 -11.48
CA LYS B 262 -1.07 -27.24 -11.03
C LYS B 262 -0.07 -27.42 -12.17
N LEU B 263 -0.55 -27.88 -13.33
CA LEU B 263 0.27 -28.03 -14.52
C LEU B 263 0.62 -26.68 -15.14
N CYS B 264 -0.30 -25.74 -15.14
CA CYS B 264 0.01 -24.37 -15.54
C CYS B 264 1.11 -23.73 -14.67
N TRP B 265 1.15 -24.13 -13.39
CA TRP B 265 2.10 -23.59 -12.42
C TRP B 265 3.35 -24.45 -12.19
N ALA B 266 3.76 -25.25 -13.17
CA ALA B 266 4.98 -26.07 -13.00
C ALA B 266 6.21 -25.16 -12.87
N PRO B 267 7.20 -25.54 -12.04
CA PRO B 267 8.41 -24.69 -11.86
C PRO B 267 9.09 -24.30 -13.18
N SER B 268 9.53 -25.30 -13.93
CA SER B 268 10.21 -25.08 -15.22
C SER B 268 9.21 -24.79 -16.34
N PRO B 269 9.39 -23.67 -17.07
CA PRO B 269 8.51 -23.34 -18.22
C PRO B 269 8.32 -24.47 -19.23
N GLN B 270 9.39 -25.20 -19.54
CA GLN B 270 9.30 -26.32 -20.49
C GLN B 270 8.33 -27.45 -20.06
N ASP B 271 7.95 -27.49 -18.79
CA ASP B 271 7.04 -28.50 -18.26
C ASP B 271 5.60 -28.07 -18.16
N ARG B 272 5.29 -26.80 -18.46
CA ARG B 272 3.89 -26.36 -18.51
C ARG B 272 3.24 -26.74 -19.85
N PRO B 273 1.94 -27.07 -19.83
CA PRO B 273 1.26 -27.47 -21.05
C PRO B 273 1.07 -26.30 -21.98
N SER B 274 1.09 -26.53 -23.29
CA SER B 274 0.79 -25.46 -24.25
C SER B 274 -0.71 -25.18 -24.19
N PHE B 275 -1.11 -23.97 -24.57
CA PHE B 275 -2.53 -23.67 -24.72
C PHE B 275 -3.23 -24.61 -25.70
N SER B 276 -2.47 -25.20 -26.63
CA SER B 276 -2.96 -26.28 -27.51
C SER B 276 -3.29 -27.57 -26.77
N ALA B 277 -2.44 -27.96 -25.83
CA ALA B 277 -2.73 -29.12 -24.96
C ALA B 277 -3.91 -28.89 -23.99
N LEU B 278 -3.95 -27.70 -23.40
CA LEU B 278 -5.04 -27.28 -22.49
C LEU B 278 -6.45 -27.19 -23.10
N GLY B 279 -6.51 -26.76 -24.37
CA GLY B 279 -7.78 -26.50 -25.05
C GLY B 279 -8.72 -27.69 -25.02
N PRO B 280 -8.34 -28.79 -25.66
CA PRO B 280 -9.14 -29.99 -25.55
C PRO B 280 -9.38 -30.43 -24.11
N GLN B 281 -8.38 -30.28 -23.23
CA GLN B 281 -8.52 -30.77 -21.85
C GLN B 281 -9.63 -30.07 -21.11
N LEU B 282 -9.78 -28.76 -21.36
CA LEU B 282 -10.90 -27.97 -20.84
C LEU B 282 -12.19 -28.35 -21.54
N ASP B 283 -12.21 -28.27 -22.87
CA ASP B 283 -13.41 -28.57 -23.67
C ASP B 283 -14.15 -29.87 -23.37
N MET B 284 -13.42 -30.93 -23.05
CA MET B 284 -14.04 -32.25 -22.86
C MET B 284 -13.80 -32.79 -21.45
N LEU B 285 -13.93 -31.90 -20.47
CA LEU B 285 -13.72 -32.25 -19.06
C LEU B 285 -14.90 -33.06 -18.55
N TRP B 286 -16.12 -32.58 -18.83
CA TRP B 286 -17.35 -33.32 -18.47
C TRP B 286 -18.07 -33.85 -19.73
N SER B 287 -18.38 -32.93 -20.65
CA SER B 287 -19.12 -33.22 -21.91
C SER B 287 -20.59 -33.53 -21.64
N PRO C 1 -34.75 12.76 25.52
CA PRO C 1 -33.50 13.51 25.38
C PRO C 1 -32.48 13.18 26.47
N THR C 2 -31.33 12.65 26.04
CA THR C 2 -30.24 12.25 26.94
C THR C 2 -29.54 13.41 27.68
N ILE C 3 -29.71 14.65 27.21
CA ILE C 3 -29.25 15.85 27.94
C ILE C 3 -30.38 16.34 28.86
N PHE C 4 -30.00 16.73 30.08
CA PHE C 4 -30.91 17.29 31.08
C PHE C 4 -30.49 18.73 31.36
N GLU C 5 -31.42 19.67 31.28
CA GLU C 5 -31.15 21.06 31.62
C GLU C 5 -31.06 21.21 33.14
N GLU C 6 -29.97 21.81 33.63
CA GLU C 6 -29.69 21.86 35.08
C GLU C 6 -30.71 22.64 35.88
N ARG C 7 -31.33 23.65 35.26
CA ARG C 7 -32.30 24.49 35.96
C ARG C 7 -33.62 23.80 36.34
N HIS C 8 -33.91 22.63 35.74
CA HIS C 8 -35.16 21.89 35.99
C HIS C 8 -35.08 20.79 37.07
N LEU C 9 -33.88 20.47 37.55
CA LEU C 9 -33.74 19.47 38.63
C LEU C 9 -34.13 20.04 39.99
N LYS C 10 -35.32 19.69 40.46
CA LYS C 10 -35.81 20.12 41.76
C LYS C 10 -35.27 19.22 42.88
N TYR C 11 -34.32 19.72 43.67
CA TYR C 11 -33.74 18.99 44.81
C TYR C 11 -34.74 18.66 45.90
N ILE C 12 -34.78 17.39 46.33
CA ILE C 12 -35.72 16.95 47.35
C ILE C 12 -35.01 16.49 48.64
N SER C 13 -34.09 15.55 48.52
CA SER C 13 -33.34 15.02 49.68
C SER C 13 -32.04 14.35 49.23
N GLN C 14 -31.29 13.75 50.17
CA GLN C 14 -30.02 13.07 49.86
C GLN C 14 -30.15 11.54 49.89
N LEU C 15 -29.61 10.88 48.85
CA LEU C 15 -29.61 9.41 48.75
C LEU C 15 -28.35 8.72 49.27
N GLY C 16 -27.19 9.32 49.06
CA GLY C 16 -25.93 8.75 49.57
C GLY C 16 -24.76 9.72 49.57
N LYS C 17 -23.65 9.28 50.16
CA LYS C 17 -22.46 10.13 50.34
C LYS C 17 -21.13 9.34 50.47
N GLY C 18 -20.32 9.40 49.41
CA GLY C 18 -18.88 9.07 49.49
C GLY C 18 -18.08 10.29 49.96
N ASN C 19 -16.77 10.12 50.11
CA ASN C 19 -15.89 11.23 50.51
C ASN C 19 -15.59 12.24 49.37
N PHE C 20 -15.73 11.79 48.11
CA PHE C 20 -15.52 12.64 46.93
C PHE C 20 -16.85 13.25 46.48
N GLY C 21 -17.82 12.38 46.18
CA GLY C 21 -19.09 12.77 45.56
C GLY C 21 -20.34 12.36 46.32
N SER C 22 -21.46 12.90 45.88
CA SER C 22 -22.77 12.70 46.51
C SER C 22 -23.80 12.27 45.48
N VAL C 23 -24.90 11.67 45.96
CA VAL C 23 -26.08 11.38 45.13
C VAL C 23 -27.34 11.87 45.84
N GLU C 24 -28.24 12.48 45.07
CA GLU C 24 -29.48 13.04 45.61
C GLU C 24 -30.71 12.74 44.74
N LEU C 25 -31.87 12.70 45.41
CA LEU C 25 -33.15 12.59 44.75
C LEU C 25 -33.61 13.99 44.30
N CYS C 26 -33.70 14.17 42.98
CA CYS C 26 -34.37 15.32 42.38
C CYS C 26 -35.67 14.90 41.70
N ARG C 27 -36.38 15.91 41.19
CA ARG C 27 -37.48 15.70 40.25
C ARG C 27 -37.17 16.53 39.01
N TYR C 28 -37.11 15.87 37.85
CA TYR C 28 -36.96 16.58 36.57
C TYR C 28 -38.33 16.88 35.94
N ASP C 29 -38.63 18.16 35.74
CA ASP C 29 -39.84 18.55 34.99
C ASP C 29 -39.63 19.82 34.14
N PRO C 30 -39.54 19.65 32.79
CA PRO C 30 -39.56 20.79 31.85
C PRO C 30 -40.71 21.78 32.07
N LEU C 31 -41.91 21.28 32.34
CA LEU C 31 -43.10 22.12 32.53
C LEU C 31 -42.98 23.03 33.75
N GLY C 32 -42.44 22.53 34.85
CA GLY C 32 -42.22 23.32 36.06
C GLY C 32 -43.45 23.42 36.94
N ASP C 33 -44.05 22.27 37.23
CA ASP C 33 -45.21 22.17 38.13
C ASP C 33 -45.12 20.92 39.03
N ASN C 34 -43.87 20.55 39.38
CA ASN C 34 -43.54 19.28 40.06
C ASN C 34 -44.47 18.09 39.72
N THR C 35 -44.61 17.84 38.42
CA THR C 35 -45.39 16.70 37.88
C THR C 35 -44.60 15.99 36.76
N GLY C 36 -43.35 15.66 37.09
CA GLY C 36 -42.43 14.94 36.19
C GLY C 36 -41.67 13.84 36.93
N ALA C 37 -40.70 13.23 36.26
CA ALA C 37 -40.00 12.06 36.83
C ALA C 37 -39.16 12.37 38.09
N LEU C 38 -38.99 11.35 38.94
CA LEU C 38 -38.11 11.39 40.11
C LEU C 38 -36.87 10.58 39.73
N VAL C 39 -35.70 11.17 39.92
CA VAL C 39 -34.45 10.58 39.43
C VAL C 39 -33.29 10.77 40.39
N ALA C 40 -32.33 9.84 40.36
CA ALA C 40 -31.15 9.88 41.19
C ALA C 40 -30.03 10.58 40.42
N VAL C 41 -29.50 11.66 41.00
CA VAL C 41 -28.52 12.53 40.35
C VAL C 41 -27.22 12.52 41.14
N LYS C 42 -26.12 12.13 40.49
CA LYS C 42 -24.79 12.12 41.11
C LYS C 42 -23.96 13.33 40.67
N GLN C 43 -23.32 13.97 41.64
CA GLN C 43 -22.43 15.12 41.39
C GLN C 43 -21.32 15.14 42.42
N LEU C 44 -20.15 15.64 42.00
CA LEU C 44 -18.97 15.76 42.88
C LEU C 44 -19.02 17.06 43.67
N GLN C 45 -18.62 16.99 44.94
CA GLN C 45 -18.48 18.17 45.80
C GLN C 45 -17.00 18.38 46.15
N HIS C 46 -16.51 19.60 45.95
CA HIS C 46 -15.11 20.00 46.25
C HIS C 46 -14.06 19.07 45.62
N SER C 47 -14.36 18.57 44.43
CA SER C 47 -13.59 17.51 43.81
C SER C 47 -12.14 17.89 43.51
N GLY C 48 -11.28 16.87 43.44
CA GLY C 48 -9.92 17.01 42.90
C GLY C 48 -9.92 16.61 41.42
N PRO C 49 -8.84 16.96 40.69
CA PRO C 49 -8.79 16.65 39.24
C PRO C 49 -8.80 15.15 38.91
N ASP C 50 -8.29 14.33 39.82
CA ASP C 50 -8.28 12.88 39.67
C ASP C 50 -9.70 12.30 39.68
N GLN C 51 -10.50 12.78 40.62
CA GLN C 51 -11.89 12.35 40.78
C GLN C 51 -12.84 12.94 39.70
N GLN C 52 -12.44 14.05 39.10
CA GLN C 52 -13.20 14.67 38.01
C GLN C 52 -13.08 13.81 36.77
N ARG C 53 -11.86 13.36 36.48
CA ARG C 53 -11.62 12.45 35.36
C ARG C 53 -12.21 11.07 35.60
N ASP C 54 -11.99 10.52 36.79
CA ASP C 54 -12.59 9.24 37.18
C ASP C 54 -14.14 9.28 37.07
N PHE C 55 -14.75 10.42 37.41
CA PHE C 55 -16.21 10.61 37.23
C PHE C 55 -16.63 10.64 35.76
N GLN C 56 -15.79 11.19 34.90
CA GLN C 56 -16.04 11.16 33.44
C GLN C 56 -16.02 9.76 32.85
N ARG C 57 -15.08 8.91 33.28
CA ARG C 57 -15.05 7.50 32.84
C ARG C 57 -16.27 6.75 33.38
N GLU C 58 -16.67 7.04 34.62
CA GLU C 58 -17.87 6.42 35.24
C GLU C 58 -19.16 6.72 34.44
N ILE C 59 -19.29 7.93 33.91
CA ILE C 59 -20.47 8.32 33.13
C ILE C 59 -20.56 7.50 31.85
N GLN C 60 -19.44 7.38 31.13
CA GLN C 60 -19.45 6.71 29.82
C GLN C 60 -19.69 5.23 29.97
N ILE C 61 -19.03 4.61 30.95
CA ILE C 61 -19.24 3.18 31.25
C ILE C 61 -20.72 2.90 31.48
N LEU C 62 -21.35 3.63 32.40
CA LEU C 62 -22.74 3.33 32.79
C LEU C 62 -23.72 3.50 31.62
N LYS C 63 -23.61 4.65 30.97
CA LYS C 63 -24.33 4.94 29.73
C LYS C 63 -24.19 3.80 28.72
N ALA C 64 -22.97 3.30 28.51
CA ALA C 64 -22.69 2.32 27.45
C ALA C 64 -23.11 0.89 27.78
N LEU C 65 -23.35 0.60 29.06
CA LEU C 65 -23.80 -0.74 29.51
C LEU C 65 -25.31 -0.87 29.36
N HIS C 66 -25.77 -2.06 28.98
CA HIS C 66 -27.20 -2.37 28.81
C HIS C 66 -27.57 -3.77 29.33
N SER C 67 -28.12 -3.82 30.54
CA SER C 67 -28.56 -5.08 31.16
C SER C 67 -29.67 -4.82 32.17
N ASP C 68 -30.44 -5.87 32.46
CA ASP C 68 -31.65 -5.75 33.28
C ASP C 68 -31.36 -5.65 34.77
N PHE C 69 -30.11 -5.92 35.16
CA PHE C 69 -29.69 -6.02 36.55
C PHE C 69 -28.59 -5.00 36.93
N ILE C 70 -28.45 -3.94 36.12
CA ILE C 70 -27.44 -2.91 36.36
C ILE C 70 -28.09 -1.56 36.13
N VAL C 71 -27.98 -0.68 37.12
CA VAL C 71 -28.71 0.59 37.15
C VAL C 71 -28.68 1.31 35.79
N LYS C 72 -29.84 1.84 35.40
CA LYS C 72 -30.02 2.47 34.11
C LYS C 72 -29.50 3.91 34.15
N TYR C 73 -28.61 4.23 33.20
CA TYR C 73 -28.26 5.63 32.90
C TYR C 73 -29.46 6.29 32.22
N ARG C 74 -29.98 7.37 32.81
CA ARG C 74 -31.03 8.17 32.19
C ARG C 74 -30.44 9.32 31.36
N GLY C 75 -29.40 9.98 31.88
CA GLY C 75 -28.87 11.19 31.24
C GLY C 75 -27.79 11.99 31.95
N VAL C 76 -27.40 13.11 31.33
CA VAL C 76 -26.39 14.03 31.86
C VAL C 76 -26.86 15.49 31.88
N SER C 77 -26.33 16.25 32.84
CA SER C 77 -26.54 17.69 32.95
C SER C 77 -25.21 18.41 33.19
N TYR C 78 -25.00 19.53 32.48
CA TYR C 78 -23.79 20.37 32.63
C TYR C 78 -24.15 21.64 33.40
N SER C 84 -19.15 21.67 36.46
CA SER C 84 -20.53 21.58 36.94
C SER C 84 -21.27 20.36 36.34
N LEU C 85 -20.63 19.20 36.40
CA LEU C 85 -21.12 17.96 35.76
C LEU C 85 -21.95 17.07 36.71
N ARG C 86 -23.11 16.62 36.22
CA ARG C 86 -24.09 15.83 36.99
C ARG C 86 -24.59 14.63 36.16
N LEU C 87 -24.79 13.49 36.82
CA LEU C 87 -25.09 12.20 36.17
C LEU C 87 -26.45 11.65 36.61
N VAL C 88 -27.38 11.57 35.66
CA VAL C 88 -28.77 11.17 35.94
C VAL C 88 -28.95 9.66 35.77
N MET C 89 -29.45 9.02 36.83
CA MET C 89 -29.89 7.63 36.80
C MET C 89 -31.37 7.54 37.19
N GLU C 90 -31.99 6.39 36.88
CA GLU C 90 -33.31 6.08 37.39
C GLU C 90 -33.27 5.95 38.91
N TYR C 91 -34.41 6.20 39.55
CA TYR C 91 -34.57 6.18 41.01
C TYR C 91 -35.35 4.92 41.44
N LEU C 92 -34.60 3.92 41.92
CA LEU C 92 -35.15 2.70 42.52
C LEU C 92 -35.51 2.94 43.98
N PRO C 93 -36.79 3.20 44.28
CA PRO C 93 -37.14 3.90 45.51
C PRO C 93 -37.21 3.07 46.77
N SER C 94 -37.09 1.75 46.65
CA SER C 94 -37.01 0.89 47.84
C SER C 94 -35.74 1.17 48.65
N GLY C 95 -34.62 1.35 47.96
CA GLY C 95 -33.33 1.65 48.60
C GLY C 95 -32.32 0.55 48.33
N CYS C 96 -31.19 0.60 49.01
CA CYS C 96 -30.17 -0.46 48.87
C CYS C 96 -30.67 -1.77 49.46
N LEU C 97 -30.04 -2.87 49.03
CA LEU C 97 -30.39 -4.21 49.47
C LEU C 97 -30.05 -4.45 50.93
N ARG C 98 -28.96 -3.86 51.40
CA ARG C 98 -28.51 -4.01 52.80
C ARG C 98 -29.61 -3.60 53.76
N ASP C 99 -30.14 -2.40 53.55
CA ASP C 99 -31.21 -1.87 54.38
C ASP C 99 -32.52 -2.63 54.15
N PHE C 100 -32.72 -3.14 52.94
CA PHE C 100 -33.92 -3.93 52.60
C PHE C 100 -34.02 -5.25 53.37
N LEU C 101 -32.91 -5.98 53.46
CA LEU C 101 -32.90 -7.25 54.19
C LEU C 101 -33.26 -7.06 55.66
N GLN C 102 -32.56 -6.13 56.30
CA GLN C 102 -32.75 -5.84 57.73
C GLN C 102 -34.15 -5.30 58.07
N ARG C 103 -34.81 -4.65 57.10
CA ARG C 103 -36.19 -4.18 57.27
C ARG C 103 -37.17 -5.34 57.25
N HIS C 104 -37.09 -6.16 56.20
CA HIS C 104 -38.01 -7.31 56.00
C HIS C 104 -37.40 -8.68 56.34
N ARG C 105 -36.47 -8.71 57.31
CA ARG C 105 -35.76 -9.93 57.73
C ARG C 105 -36.66 -11.15 57.99
N ALA C 106 -37.84 -10.90 58.55
CA ALA C 106 -38.81 -11.96 58.84
C ALA C 106 -39.33 -12.64 57.57
N ARG C 107 -40.14 -11.94 56.79
CA ARG C 107 -40.86 -12.57 55.68
C ARG C 107 -40.02 -12.98 54.45
N LEU C 108 -38.76 -12.53 54.38
CA LEU C 108 -37.85 -12.93 53.31
C LEU C 108 -37.24 -14.30 53.58
N ASP C 109 -37.80 -15.32 52.92
CA ASP C 109 -37.27 -16.69 53.01
C ASP C 109 -36.00 -16.87 52.17
N ALA C 110 -35.27 -17.95 52.46
CA ALA C 110 -34.03 -18.31 51.76
C ALA C 110 -34.16 -18.38 50.24
N SER C 111 -35.36 -18.69 49.74
CA SER C 111 -35.67 -18.73 48.30
C SER C 111 -35.43 -17.38 47.59
N ARG C 112 -35.77 -16.27 48.24
CA ARG C 112 -35.50 -14.94 47.67
C ARG C 112 -34.03 -14.53 47.81
N LEU C 113 -33.31 -15.06 48.80
CA LEU C 113 -31.88 -14.82 48.91
C LEU C 113 -31.13 -15.50 47.76
N LEU C 114 -31.54 -16.71 47.40
CA LEU C 114 -31.06 -17.38 46.19
C LEU C 114 -31.36 -16.58 44.91
N LEU C 115 -32.55 -15.99 44.87
CA LEU C 115 -33.02 -15.22 43.72
C LEU C 115 -32.20 -13.95 43.54
N TYR C 116 -32.02 -13.19 44.63
CA TYR C 116 -31.17 -12.00 44.56
C TYR C 116 -29.76 -12.37 44.14
N SER C 117 -29.25 -13.49 44.66
CA SER C 117 -27.90 -13.97 44.34
C SER C 117 -27.73 -14.25 42.86
N SER C 118 -28.69 -14.94 42.27
CA SER C 118 -28.69 -15.22 40.85
C SER C 118 -28.71 -13.94 40.02
N GLN C 119 -29.51 -12.97 40.44
CA GLN C 119 -29.66 -11.70 39.70
C GLN C 119 -28.38 -10.85 39.70
N ILE C 120 -27.66 -10.89 40.82
CA ILE C 120 -26.36 -10.26 40.94
C ILE C 120 -25.34 -11.01 40.09
N CYS C 121 -25.34 -12.34 40.18
CA CYS C 121 -24.46 -13.21 39.35
C CYS C 121 -24.64 -12.99 37.84
N LYS C 122 -25.89 -12.82 37.40
CA LYS C 122 -26.17 -12.49 36.01
C LYS C 122 -25.66 -11.10 35.65
N GLY C 123 -25.85 -10.15 36.57
CA GLY C 123 -25.28 -8.81 36.45
C GLY C 123 -23.76 -8.77 36.31
N MET C 124 -23.07 -9.64 37.02
CA MET C 124 -21.60 -9.72 36.93
C MET C 124 -21.07 -10.43 35.68
N GLU C 125 -21.74 -11.50 35.25
CA GLU C 125 -21.52 -12.13 33.94
C GLU C 125 -21.55 -11.09 32.79
N TYR C 126 -22.50 -10.14 32.86
CA TYR C 126 -22.60 -9.12 31.83
C TYR C 126 -21.40 -8.16 31.88
N LEU C 127 -21.03 -7.70 33.08
CA LEU C 127 -19.88 -6.79 33.19
C LEU C 127 -18.61 -7.46 32.68
N GLY C 128 -18.39 -8.69 33.11
CA GLY C 128 -17.29 -9.49 32.60
C GLY C 128 -17.25 -9.67 31.09
N SER C 129 -18.41 -9.67 30.45
CA SER C 129 -18.46 -9.79 28.99
C SER C 129 -17.99 -8.47 28.35
N ARG C 130 -18.31 -7.36 29.01
CA ARG C 130 -17.84 -6.03 28.62
C ARG C 130 -16.41 -5.71 29.14
N ARG C 131 -15.69 -6.73 29.65
CA ARG C 131 -14.32 -6.59 30.16
C ARG C 131 -14.20 -5.55 31.28
N CYS C 132 -15.22 -5.52 32.14
CA CYS C 132 -15.40 -4.46 33.11
C CYS C 132 -15.38 -4.99 34.54
N VAL C 133 -14.46 -4.48 35.35
CA VAL C 133 -14.41 -4.79 36.77
C VAL C 133 -15.23 -3.74 37.55
N HIS C 134 -15.94 -4.20 38.58
CA HIS C 134 -16.76 -3.31 39.42
C HIS C 134 -15.95 -2.74 40.62
N ARG C 135 -15.14 -3.61 41.27
CA ARG C 135 -14.20 -3.24 42.36
C ARG C 135 -14.80 -2.89 43.72
N ASP C 136 -16.13 -2.84 43.85
CA ASP C 136 -16.81 -2.40 45.07
C ASP C 136 -18.15 -3.15 45.25
N LEU C 137 -18.14 -4.44 44.98
CA LEU C 137 -19.35 -5.24 44.95
C LEU C 137 -19.73 -5.57 46.38
N ALA C 138 -20.85 -5.03 46.83
CA ALA C 138 -21.33 -5.27 48.21
C ALA C 138 -22.80 -4.88 48.35
N ALA C 139 -23.47 -5.44 49.35
CA ALA C 139 -24.94 -5.26 49.55
C ALA C 139 -25.40 -3.79 49.71
N ARG C 140 -24.53 -2.94 50.23
CA ARG C 140 -24.76 -1.50 50.23
C ARG C 140 -24.92 -0.92 48.83
N ASN C 141 -24.20 -1.50 47.86
CA ASN C 141 -24.19 -1.06 46.46
C ASN C 141 -25.13 -1.84 45.53
N ILE C 142 -25.96 -2.73 46.11
CA ILE C 142 -27.04 -3.38 45.37
C ILE C 142 -28.36 -2.68 45.71
N LEU C 143 -29.16 -2.39 44.68
CA LEU C 143 -30.45 -1.71 44.84
C LEU C 143 -31.60 -2.67 44.56
N VAL C 144 -32.77 -2.34 45.09
CA VAL C 144 -34.02 -3.08 44.84
C VAL C 144 -34.95 -2.25 43.95
N GLU C 145 -35.25 -2.79 42.77
CA GLU C 145 -36.35 -2.28 41.94
C GLU C 145 -37.67 -2.79 42.50
N SER C 146 -37.79 -4.11 42.60
CA SER C 146 -38.98 -4.78 43.14
C SER C 146 -38.57 -5.95 44.03
N GLU C 147 -39.51 -6.45 44.82
CA GLU C 147 -39.24 -7.52 45.79
C GLU C 147 -38.58 -8.78 45.20
N ALA C 148 -38.80 -9.02 43.90
CA ALA C 148 -38.12 -10.10 43.16
C ALA C 148 -37.25 -9.57 42.03
N HIS C 149 -36.62 -8.42 42.24
CA HIS C 149 -35.72 -7.80 41.24
C HIS C 149 -34.72 -6.83 41.87
N VAL C 150 -33.43 -7.16 41.81
CA VAL C 150 -32.36 -6.31 42.33
C VAL C 150 -31.34 -5.96 41.24
N LYS C 151 -30.70 -4.79 41.40
CA LYS C 151 -29.80 -4.20 40.41
C LYS C 151 -28.47 -3.79 41.02
N ILE C 152 -27.37 -4.04 40.30
CA ILE C 152 -26.03 -3.61 40.74
C ILE C 152 -25.88 -2.11 40.49
N ALA C 153 -25.56 -1.35 41.53
CA ALA C 153 -25.33 0.09 41.42
C ALA C 153 -23.87 0.47 41.73
N ASP C 154 -23.57 1.75 41.50
CA ASP C 154 -22.33 2.41 41.94
C ASP C 154 -21.05 1.93 41.24
N PHE C 155 -20.76 2.55 40.10
CA PHE C 155 -19.60 2.19 39.27
C PHE C 155 -18.49 3.26 39.35
N GLY C 156 -18.39 3.94 40.49
CA GLY C 156 -17.31 4.90 40.74
C GLY C 156 -15.96 4.22 40.64
N LEU C 157 -15.77 3.17 41.43
CA LEU C 157 -14.51 2.43 41.44
C LEU C 157 -14.36 1.43 40.28
N ALA C 158 -15.39 1.27 39.46
CA ALA C 158 -15.33 0.34 38.33
C ALA C 158 -14.25 0.78 37.35
N LYS C 159 -13.51 -0.20 36.83
CA LYS C 159 -12.51 0.05 35.78
C LYS C 159 -12.71 -0.97 34.67
N LEU C 160 -12.59 -0.53 33.43
CA LEU C 160 -12.51 -1.44 32.29
C LEU C 160 -11.11 -1.98 32.22
N LEU C 161 -10.99 -3.27 31.92
CA LEU C 161 -9.67 -3.89 31.78
C LEU C 161 -8.88 -3.30 30.60
N PRO C 162 -7.55 -3.50 30.59
CA PRO C 162 -6.81 -3.18 29.37
C PRO C 162 -7.21 -4.19 28.31
N LEU C 163 -7.38 -3.74 27.07
CA LEU C 163 -7.84 -4.62 26.00
C LEU C 163 -6.88 -5.82 25.80
N ASP C 164 -5.57 -5.54 25.83
CA ASP C 164 -4.55 -6.61 25.75
C ASP C 164 -4.47 -7.54 26.98
N LYS C 165 -4.64 -6.99 28.20
CA LYS C 165 -4.42 -7.74 29.46
C LYS C 165 -5.71 -8.25 30.12
N ASP C 166 -5.55 -9.06 31.17
CA ASP C 166 -6.67 -9.64 31.96
C ASP C 166 -6.77 -9.15 33.43
N VAL C 169 -3.55 -3.31 37.76
CA VAL C 169 -2.89 -2.88 38.99
C VAL C 169 -3.30 -1.43 39.24
N VAL C 170 -3.58 -1.06 40.49
CA VAL C 170 -3.99 0.31 40.83
C VAL C 170 -2.95 1.01 41.74
N ARG C 171 -2.55 2.22 41.36
CA ARG C 171 -1.60 3.03 42.13
C ARG C 171 -2.24 3.57 43.41
N GLU C 172 -3.49 4.03 43.29
CA GLU C 172 -4.26 4.53 44.43
C GLU C 172 -4.62 3.39 45.39
N PRO C 173 -4.18 3.48 46.67
CA PRO C 173 -4.65 2.51 47.67
C PRO C 173 -6.18 2.57 47.84
N GLY C 174 -6.79 1.40 48.04
CA GLY C 174 -8.24 1.29 48.10
C GLY C 174 -8.86 1.91 49.35
N GLN C 175 -9.13 3.22 49.29
CA GLN C 175 -9.84 3.94 50.36
C GLN C 175 -11.30 3.49 50.43
N SER C 176 -11.51 2.31 51.00
CA SER C 176 -12.80 1.61 51.02
C SER C 176 -12.71 0.40 51.95
N PRO C 177 -13.86 -0.18 52.36
CA PRO C 177 -13.79 -1.32 53.27
C PRO C 177 -12.99 -2.50 52.71
N ILE C 178 -12.03 -2.98 53.50
CA ILE C 178 -11.08 -4.02 53.08
C ILE C 178 -11.66 -5.45 53.15
N PHE C 179 -12.77 -5.62 53.87
CA PHE C 179 -13.32 -6.96 54.14
C PHE C 179 -14.00 -7.64 52.92
N TRP C 180 -14.11 -6.90 51.82
CA TRP C 180 -14.66 -7.42 50.55
C TRP C 180 -13.58 -7.71 49.51
N TYR C 181 -12.31 -7.38 49.81
CA TYR C 181 -11.21 -7.44 48.85
C TYR C 181 -10.62 -8.84 48.80
N ALA C 182 -10.22 -9.27 47.60
CA ALA C 182 -9.50 -10.54 47.44
C ALA C 182 -8.05 -10.38 47.92
N PRO C 183 -7.38 -11.49 48.31
CA PRO C 183 -6.01 -11.42 48.82
C PRO C 183 -5.02 -10.69 47.92
N GLU C 184 -5.05 -10.99 46.62
CA GLU C 184 -4.13 -10.33 45.65
C GLU C 184 -4.47 -8.84 45.44
N SER C 185 -5.72 -8.45 45.73
CA SER C 185 -6.09 -7.03 45.82
C SER C 185 -5.38 -6.36 47.00
N LEU C 186 -5.34 -7.03 48.14
CA LEU C 186 -4.76 -6.47 49.36
C LEU C 186 -3.25 -6.37 49.24
N SER C 187 -2.62 -7.45 48.79
CA SER C 187 -1.17 -7.47 48.57
C SER C 187 -0.73 -6.54 47.43
N ASP C 188 -0.96 -6.94 46.19
CA ASP C 188 -0.40 -6.25 45.03
C ASP C 188 -1.34 -5.22 44.37
N ASN C 189 -2.43 -4.87 45.04
CA ASN C 189 -3.43 -3.94 44.49
C ASN C 189 -3.86 -4.37 43.08
N ILE C 190 -4.14 -5.67 42.93
CA ILE C 190 -4.62 -6.25 41.67
C ILE C 190 -6.11 -6.53 41.73
N PHE C 191 -6.83 -6.06 40.71
CA PHE C 191 -8.28 -6.29 40.58
C PHE C 191 -8.61 -6.92 39.23
N SER C 192 -9.53 -7.87 39.23
CA SER C 192 -9.93 -8.59 38.03
C SER C 192 -11.36 -9.14 38.15
N ARG C 193 -11.81 -9.85 37.12
CA ARG C 193 -13.09 -10.56 37.16
C ARG C 193 -13.11 -11.65 38.25
N GLN C 194 -11.94 -12.14 38.61
CA GLN C 194 -11.79 -13.14 39.67
C GLN C 194 -11.79 -12.48 41.07
N SER C 195 -11.41 -11.21 41.14
CA SER C 195 -11.50 -10.45 42.39
C SER C 195 -12.93 -9.96 42.64
N ASP C 196 -13.68 -9.70 41.58
CA ASP C 196 -15.13 -9.53 41.72
C ASP C 196 -15.74 -10.82 42.29
N VAL C 197 -15.32 -11.99 41.79
CA VAL C 197 -15.80 -13.29 42.30
C VAL C 197 -15.58 -13.45 43.79
N TRP C 198 -14.41 -13.04 44.29
CA TRP C 198 -14.17 -13.07 45.75
C TRP C 198 -15.25 -12.23 46.43
N SER C 199 -15.38 -10.98 45.99
CA SER C 199 -16.36 -10.05 46.56
C SER C 199 -17.77 -10.62 46.51
N PHE C 200 -18.11 -11.26 45.38
CA PHE C 200 -19.40 -11.92 45.23
C PHE C 200 -19.64 -12.96 46.31
N GLY C 201 -18.58 -13.69 46.66
CA GLY C 201 -18.58 -14.58 47.84
C GLY C 201 -19.03 -13.89 49.11
N VAL C 202 -18.48 -12.72 49.38
CA VAL C 202 -18.83 -11.94 50.58
C VAL C 202 -20.28 -11.48 50.52
N VAL C 203 -20.71 -11.01 49.34
CA VAL C 203 -22.13 -10.69 49.10
C VAL C 203 -23.07 -11.86 49.51
N LEU C 204 -22.69 -13.10 49.16
CA LEU C 204 -23.50 -14.26 49.58
C LEU C 204 -23.55 -14.36 51.10
N TYR C 205 -22.41 -14.16 51.75
CA TYR C 205 -22.34 -14.17 53.21
C TYR C 205 -23.21 -13.05 53.80
N GLU C 206 -23.14 -11.87 53.17
CA GLU C 206 -24.00 -10.73 53.52
C GLU C 206 -25.48 -11.07 53.40
N LEU C 207 -25.89 -11.64 52.28
CA LEU C 207 -27.31 -11.94 52.05
C LEU C 207 -27.87 -12.91 53.08
N PHE C 208 -27.21 -14.05 53.24
CA PHE C 208 -27.65 -15.10 54.14
C PHE C 208 -27.40 -14.83 55.64
N THR C 209 -26.74 -13.71 55.96
CA THR C 209 -26.78 -13.11 57.31
C THR C 209 -27.83 -12.01 57.44
N TYR C 210 -28.58 -11.74 56.35
CA TYR C 210 -29.49 -10.59 56.26
C TYR C 210 -28.81 -9.24 56.56
N CYS C 211 -27.48 -9.18 56.36
CA CYS C 211 -26.65 -8.04 56.73
C CYS C 211 -26.72 -7.61 58.21
N ASP C 212 -26.83 -8.57 59.14
CA ASP C 212 -26.90 -8.26 60.58
C ASP C 212 -25.55 -7.78 61.10
N LYS C 213 -25.56 -6.61 61.73
CA LYS C 213 -24.33 -5.89 62.14
C LYS C 213 -23.40 -6.78 62.96
N SER C 214 -24.01 -7.49 63.92
CA SER C 214 -23.32 -8.38 64.86
C SER C 214 -22.41 -9.40 64.18
N CYS C 215 -22.87 -9.98 63.07
CA CYS C 215 -22.07 -10.93 62.28
C CYS C 215 -21.77 -10.40 60.87
N SER C 216 -21.48 -9.10 60.78
CA SER C 216 -21.08 -8.47 59.51
C SER C 216 -19.64 -8.89 59.16
N PRO C 217 -19.26 -8.81 57.85
CA PRO C 217 -17.89 -9.14 57.47
C PRO C 217 -16.82 -8.39 58.28
N SER C 218 -17.06 -7.10 58.49
CA SER C 218 -16.22 -6.27 59.36
C SER C 218 -16.20 -6.80 60.79
N ALA C 219 -17.39 -6.86 61.40
CA ALA C 219 -17.57 -7.34 62.77
C ALA C 219 -16.90 -8.69 62.98
N GLU C 220 -17.11 -9.60 62.03
CA GLU C 220 -16.63 -10.97 62.15
C GLU C 220 -15.11 -11.08 62.01
N PHE C 221 -14.55 -10.44 60.98
CA PHE C 221 -13.08 -10.40 60.80
C PHE C 221 -12.36 -9.69 61.97
N LEU C 222 -12.94 -8.60 62.47
CA LEU C 222 -12.35 -7.86 63.59
C LEU C 222 -12.15 -8.72 64.86
N ARG C 223 -13.07 -9.65 65.12
CA ARG C 223 -12.96 -10.58 66.26
C ARG C 223 -11.71 -11.45 66.16
N MET C 224 -11.37 -11.88 64.93
CA MET C 224 -10.22 -12.77 64.69
C MET C 224 -8.88 -12.06 64.80
N MET C 225 -8.85 -10.76 64.49
CA MET C 225 -7.61 -9.95 64.49
C MET C 225 -7.50 -8.98 65.69
N GLY C 226 -6.30 -8.47 65.95
CA GLY C 226 -6.10 -7.50 67.04
C GLY C 226 -4.64 -7.19 67.34
N PRO C 232 -1.16 -3.24 61.93
CA PRO C 232 -1.79 -2.85 60.68
C PRO C 232 -2.90 -3.82 60.31
N ALA C 233 -4.12 -3.30 60.23
CA ALA C 233 -5.31 -4.11 59.95
C ALA C 233 -5.29 -4.75 58.55
N LEU C 234 -4.75 -4.02 57.57
CA LEU C 234 -4.65 -4.54 56.19
C LEU C 234 -3.75 -5.78 56.13
N SER C 235 -2.53 -5.64 56.62
CA SER C 235 -1.56 -6.73 56.58
C SER C 235 -2.02 -7.94 57.38
N ARG C 236 -2.58 -7.67 58.57
CA ARG C 236 -3.14 -8.73 59.41
C ARG C 236 -4.31 -9.44 58.73
N LEU C 237 -5.12 -8.71 57.97
CA LEU C 237 -6.22 -9.34 57.22
C LEU C 237 -5.71 -10.34 56.20
N LEU C 238 -4.69 -9.92 55.44
CA LEU C 238 -4.02 -10.81 54.47
C LEU C 238 -3.38 -12.03 55.13
N GLU C 239 -2.80 -11.83 56.32
CA GLU C 239 -2.23 -12.90 57.14
C GLU C 239 -3.27 -13.99 57.43
N LEU C 240 -4.47 -13.57 57.82
CA LEU C 240 -5.59 -14.49 58.06
C LEU C 240 -5.96 -15.25 56.78
N LEU C 241 -6.20 -14.51 55.71
CA LEU C 241 -6.66 -15.12 54.45
C LEU C 241 -5.63 -16.12 53.90
N GLU C 242 -4.35 -15.76 53.95
CA GLU C 242 -3.30 -16.68 53.49
C GLU C 242 -3.18 -17.91 54.39
N GLU C 243 -3.38 -17.74 55.69
CA GLU C 243 -3.40 -18.86 56.67
C GLU C 243 -4.64 -19.76 56.55
N GLY C 244 -5.60 -19.38 55.70
CA GLY C 244 -6.75 -20.22 55.34
C GLY C 244 -8.08 -19.82 55.98
N GLN C 245 -8.08 -18.79 56.82
CA GLN C 245 -9.28 -18.39 57.56
C GLN C 245 -10.27 -17.67 56.65
N ARG C 246 -11.56 -18.00 56.79
CA ARG C 246 -12.64 -17.37 56.02
C ARG C 246 -13.83 -17.11 56.94
N LEU C 247 -14.76 -16.27 56.49
CA LEU C 247 -15.98 -16.00 57.26
C LEU C 247 -16.81 -17.28 57.43
N PRO C 248 -17.54 -17.41 58.54
CA PRO C 248 -18.27 -18.66 58.81
C PRO C 248 -19.52 -18.85 57.95
N ALA C 249 -20.07 -20.07 57.98
CA ALA C 249 -21.37 -20.33 57.37
C ALA C 249 -22.44 -19.68 58.25
N PRO C 250 -23.27 -18.78 57.68
CA PRO C 250 -24.32 -18.14 58.49
C PRO C 250 -25.38 -19.12 58.96
N PRO C 251 -26.22 -18.70 59.92
CA PRO C 251 -27.30 -19.59 60.36
C PRO C 251 -28.34 -19.86 59.26
N ALA C 252 -28.94 -21.05 59.30
CA ALA C 252 -29.97 -21.51 58.35
C ALA C 252 -29.50 -21.67 56.90
N CYS C 253 -28.21 -21.43 56.63
CA CYS C 253 -27.71 -21.30 55.26
C CYS C 253 -27.65 -22.68 54.59
N PRO C 254 -28.31 -22.85 53.42
CA PRO C 254 -28.23 -24.11 52.67
C PRO C 254 -26.78 -24.49 52.36
N ALA C 255 -26.40 -25.72 52.70
CA ALA C 255 -25.01 -26.18 52.63
C ALA C 255 -24.34 -25.87 51.28
N GLU C 256 -25.06 -26.14 50.20
CA GLU C 256 -24.54 -25.97 48.84
C GLU C 256 -24.22 -24.51 48.49
N VAL C 257 -24.89 -23.57 49.15
CA VAL C 257 -24.56 -22.15 49.01
C VAL C 257 -23.26 -21.85 49.73
N HIS C 258 -23.08 -22.40 50.94
CA HIS C 258 -21.83 -22.23 51.66
C HIS C 258 -20.64 -22.76 50.84
N GLU C 259 -20.84 -23.88 50.16
CA GLU C 259 -19.80 -24.43 49.31
C GLU C 259 -19.41 -23.50 48.16
N LEU C 260 -20.40 -22.85 47.55
CA LEU C 260 -20.15 -21.83 46.52
C LEU C 260 -19.46 -20.61 47.13
N MET C 261 -19.93 -20.19 48.30
CA MET C 261 -19.22 -19.18 49.13
C MET C 261 -17.73 -19.51 49.21
N LYS C 262 -17.43 -20.77 49.57
CA LYS C 262 -16.06 -21.22 49.78
C LYS C 262 -15.27 -21.38 48.49
N LEU C 263 -15.92 -21.82 47.42
CA LEU C 263 -15.28 -21.88 46.11
C LEU C 263 -14.84 -20.50 45.63
N CYS C 264 -15.70 -19.50 45.81
CA CYS C 264 -15.38 -18.12 45.46
C CYS C 264 -14.15 -17.56 46.17
N TRP C 265 -13.92 -18.01 47.40
CA TRP C 265 -12.77 -17.58 48.17
C TRP C 265 -11.58 -18.54 48.03
N ALA C 266 -11.38 -19.14 46.85
CA ALA C 266 -10.20 -19.98 46.63
C ALA C 266 -8.96 -19.09 46.62
N PRO C 267 -7.84 -19.51 47.25
CA PRO C 267 -6.69 -18.61 47.36
C PRO C 267 -6.26 -18.01 46.00
N SER C 268 -6.04 -18.85 44.99
CA SER C 268 -5.57 -18.43 43.68
C SER C 268 -6.74 -18.07 42.73
N PRO C 269 -6.71 -16.88 42.11
CA PRO C 269 -7.91 -16.39 41.41
C PRO C 269 -8.44 -17.27 40.28
N GLN C 270 -7.52 -17.92 39.56
CA GLN C 270 -7.84 -18.93 38.53
C GLN C 270 -8.66 -20.13 39.03
N ASP C 271 -8.52 -20.48 40.30
CA ASP C 271 -9.28 -21.59 40.89
C ASP C 271 -10.75 -21.23 41.19
N ARG C 272 -11.04 -19.96 41.38
CA ARG C 272 -12.42 -19.50 41.61
C ARG C 272 -13.28 -19.73 40.37
N PRO C 273 -14.59 -19.96 40.55
CA PRO C 273 -15.44 -20.22 39.40
C PRO C 273 -15.78 -18.94 38.68
N SER C 274 -16.09 -19.04 37.40
CA SER C 274 -16.61 -17.91 36.63
C SER C 274 -18.05 -17.63 37.06
N PHE C 275 -18.52 -16.45 36.69
CA PHE C 275 -19.92 -16.09 36.90
C PHE C 275 -20.85 -16.90 36.01
N SER C 276 -20.32 -17.40 34.89
CA SER C 276 -21.10 -18.28 34.01
C SER C 276 -21.35 -19.66 34.62
N ALA C 277 -20.40 -20.12 35.42
CA ALA C 277 -20.55 -21.37 36.18
C ALA C 277 -21.53 -21.18 37.35
N LEU C 278 -21.30 -20.14 38.15
CA LEU C 278 -22.13 -19.82 39.33
C LEU C 278 -23.59 -19.52 39.04
N GLY C 279 -23.90 -19.10 37.82
CA GLY C 279 -25.28 -18.82 37.42
C GLY C 279 -26.20 -20.01 37.59
N PRO C 280 -26.09 -21.02 36.71
CA PRO C 280 -26.91 -22.24 36.78
C PRO C 280 -27.00 -22.81 38.19
N GLN C 281 -25.85 -23.11 38.80
CA GLN C 281 -25.80 -23.71 40.14
C GLN C 281 -26.80 -23.07 41.09
N LEU C 282 -26.73 -21.74 41.22
CA LEU C 282 -27.66 -20.98 42.06
C LEU C 282 -29.10 -21.18 41.62
N ASP C 283 -29.38 -20.94 40.34
CA ASP C 283 -30.73 -21.10 39.78
C ASP C 283 -31.31 -22.50 40.03
N MET C 284 -30.43 -23.50 39.95
CA MET C 284 -30.81 -24.91 40.11
C MET C 284 -31.02 -25.31 41.58
N LEU C 285 -30.54 -24.48 42.51
CA LEU C 285 -30.77 -24.70 43.94
C LEU C 285 -32.22 -24.53 44.37
N TRP C 286 -33.00 -23.74 43.61
CA TRP C 286 -34.46 -23.83 43.64
C TRP C 286 -35.00 -24.47 42.34
N PRO D 1 22.93 3.75 37.94
CA PRO D 1 22.40 5.07 38.25
C PRO D 1 22.11 5.94 37.01
N THR D 2 21.71 7.19 37.28
CA THR D 2 21.42 8.16 36.22
C THR D 2 22.65 8.59 35.42
N ILE D 3 23.85 8.51 36.02
CA ILE D 3 25.08 8.93 35.37
C ILE D 3 25.48 7.95 34.24
N PHE D 4 25.12 8.32 33.00
CA PHE D 4 25.52 7.61 31.77
C PHE D 4 26.72 8.34 31.18
N GLU D 5 27.89 7.73 31.29
CA GLU D 5 29.16 8.33 30.82
C GLU D 5 29.18 8.44 29.29
N GLU D 6 29.62 9.60 28.80
CA GLU D 6 29.68 9.90 27.35
C GLU D 6 30.52 8.88 26.57
N ARG D 7 31.74 8.63 27.06
CA ARG D 7 32.69 7.73 26.38
C ARG D 7 32.24 6.26 26.25
N HIS D 8 31.29 5.84 27.08
CA HIS D 8 30.72 4.48 26.99
C HIS D 8 29.58 4.32 25.97
N LEU D 9 28.99 5.43 25.50
CA LEU D 9 27.91 5.35 24.50
C LEU D 9 28.46 5.07 23.10
N LYS D 10 28.47 3.79 22.72
CA LYS D 10 28.88 3.39 21.37
C LYS D 10 27.77 3.70 20.36
N TYR D 11 28.12 4.42 19.29
CA TYR D 11 27.17 4.75 18.22
C TYR D 11 26.87 3.51 17.37
N ILE D 12 25.65 3.43 16.82
CA ILE D 12 25.31 2.39 15.81
C ILE D 12 24.69 3.01 14.55
N SER D 13 23.46 3.49 14.62
CA SER D 13 22.82 4.15 13.45
C SER D 13 21.89 5.28 13.83
N GLN D 14 21.42 6.03 12.83
CA GLN D 14 20.46 7.11 13.04
C GLN D 14 19.04 6.56 13.01
N LEU D 15 18.19 7.05 13.92
CA LEU D 15 16.77 6.68 13.97
C LEU D 15 15.90 7.74 13.29
N GLY D 16 16.17 9.02 13.60
CA GLY D 16 15.47 10.13 12.94
C GLY D 16 16.03 11.49 13.27
N LYS D 17 15.89 12.42 12.33
CA LYS D 17 16.51 13.74 12.40
C LYS D 17 15.51 14.84 12.03
N GLY D 18 15.37 15.83 12.92
CA GLY D 18 14.57 17.04 12.68
C GLY D 18 15.42 18.18 12.15
N ASN D 19 14.87 19.40 12.23
CA ASN D 19 15.54 20.62 11.72
C ASN D 19 16.74 21.07 12.56
N PHE D 20 16.63 20.91 13.88
CA PHE D 20 17.69 21.27 14.84
C PHE D 20 18.31 20.05 15.53
N GLY D 21 17.49 19.05 15.88
CA GLY D 21 17.94 17.86 16.64
C GLY D 21 17.81 16.52 15.91
N SER D 22 18.26 15.45 16.58
CA SER D 22 18.16 14.08 16.05
C SER D 22 18.35 13.01 17.13
N VAL D 23 18.04 11.76 16.76
CA VAL D 23 18.13 10.59 17.64
C VAL D 23 19.05 9.51 17.02
N GLU D 24 19.76 8.77 17.87
CA GLU D 24 20.71 7.74 17.43
C GLU D 24 20.54 6.45 18.23
N LEU D 25 20.62 5.31 17.55
CA LEU D 25 20.71 3.97 18.19
C LEU D 25 22.13 3.78 18.71
N CYS D 26 22.24 3.35 19.97
CA CYS D 26 23.51 3.23 20.68
C CYS D 26 23.50 2.08 21.68
N ARG D 27 24.70 1.66 22.07
CA ARG D 27 24.88 0.66 23.11
C ARG D 27 25.73 1.22 24.25
N TYR D 28 25.08 1.63 25.35
CA TYR D 28 25.79 1.94 26.59
C TYR D 28 26.41 0.64 27.10
N ASP D 29 27.75 0.60 27.14
CA ASP D 29 28.50 -0.65 27.26
C ASP D 29 29.76 -0.48 28.13
N PRO D 30 29.60 -0.45 29.48
CA PRO D 30 30.70 -0.26 30.44
C PRO D 30 31.95 -1.10 30.20
N LEU D 31 31.78 -2.40 30.01
CA LEU D 31 32.86 -3.28 29.59
C LEU D 31 32.81 -3.35 28.07
N GLY D 32 33.95 -3.13 27.41
CA GLY D 32 34.02 -3.14 25.95
C GLY D 32 33.86 -4.53 25.34
N ASP D 33 32.64 -5.06 25.42
CA ASP D 33 32.27 -6.38 24.87
C ASP D 33 30.84 -6.44 24.29
N ASN D 34 30.21 -5.28 24.11
CA ASN D 34 28.81 -5.17 23.68
C ASN D 34 27.79 -6.04 24.46
N THR D 35 28.05 -6.21 25.76
CA THR D 35 27.10 -6.87 26.68
C THR D 35 25.95 -5.93 27.03
N GLY D 36 26.18 -4.62 26.92
CA GLY D 36 25.22 -3.61 27.36
C GLY D 36 23.96 -3.47 26.54
N ALA D 37 23.04 -2.64 27.03
CA ALA D 37 21.69 -2.49 26.44
C ALA D 37 21.66 -1.49 25.31
N LEU D 38 20.85 -1.78 24.30
CA LEU D 38 20.56 -0.82 23.25
C LEU D 38 19.59 0.25 23.76
N VAL D 39 19.91 1.50 23.42
CA VAL D 39 19.18 2.68 23.86
C VAL D 39 19.09 3.67 22.71
N ALA D 40 18.06 4.51 22.75
CA ALA D 40 17.85 5.58 21.78
C ALA D 40 18.27 6.91 22.43
N VAL D 41 19.30 7.54 21.85
CA VAL D 41 20.02 8.67 22.44
C VAL D 41 19.75 9.97 21.66
N LYS D 42 19.13 10.97 22.30
CA LYS D 42 18.83 12.24 21.63
C LYS D 42 19.93 13.28 21.87
N GLN D 43 20.16 14.11 20.83
CA GLN D 43 21.20 15.14 20.85
C GLN D 43 20.97 16.23 19.77
N LEU D 44 21.29 17.48 20.11
CA LEU D 44 21.09 18.63 19.22
C LEU D 44 22.31 18.86 18.31
N GLN D 45 22.04 19.36 17.10
CA GLN D 45 23.09 19.60 16.11
C GLN D 45 23.24 21.11 15.86
N HIS D 46 24.32 21.69 16.39
CA HIS D 46 24.73 23.08 16.08
C HIS D 46 23.66 24.15 16.31
N SER D 47 22.65 23.84 17.12
CA SER D 47 21.45 24.68 17.22
C SER D 47 21.70 25.89 18.11
N GLY D 48 20.95 26.96 17.85
CA GLY D 48 21.07 28.21 18.61
C GLY D 48 20.52 28.11 20.03
N PRO D 49 20.68 29.20 20.83
CA PRO D 49 20.37 29.19 22.28
C PRO D 49 18.95 28.78 22.68
N ASP D 50 17.99 28.92 21.76
CA ASP D 50 16.59 28.59 22.03
C ASP D 50 16.37 27.10 22.23
N GLN D 51 16.97 26.27 21.39
CA GLN D 51 16.77 24.81 21.44
C GLN D 51 17.47 24.16 22.63
N GLN D 52 18.67 24.63 22.94
CA GLN D 52 19.39 24.27 24.19
C GLN D 52 18.43 24.27 25.38
N ARG D 53 17.76 25.41 25.58
CA ARG D 53 16.83 25.59 26.70
C ARG D 53 15.60 24.70 26.56
N ASP D 54 15.00 24.68 25.38
CA ASP D 54 13.89 23.76 25.09
C ASP D 54 14.27 22.33 25.45
N PHE D 55 15.43 21.90 24.97
CA PHE D 55 15.95 20.54 25.25
C PHE D 55 16.16 20.25 26.74
N GLN D 56 16.53 21.28 27.50
CA GLN D 56 16.69 21.14 28.94
C GLN D 56 15.38 20.78 29.64
N ARG D 57 14.28 21.43 29.22
CA ARG D 57 12.95 21.18 29.79
C ARG D 57 12.43 19.80 29.43
N GLU D 58 12.64 19.40 28.18
CA GLU D 58 12.35 18.04 27.70
C GLU D 58 12.96 16.98 28.61
N ILE D 59 14.25 17.07 28.89
CA ILE D 59 14.91 16.06 29.72
C ILE D 59 14.14 15.87 31.02
N GLN D 60 13.92 16.99 31.70
CA GLN D 60 13.12 17.02 32.92
C GLN D 60 11.67 16.55 32.72
N ILE D 61 11.06 16.93 31.60
CA ILE D 61 9.65 16.60 31.34
C ILE D 61 9.47 15.09 31.25
N LEU D 62 10.22 14.45 30.35
CA LEU D 62 10.16 12.99 30.17
C LEU D 62 10.52 12.22 31.44
N LYS D 63 11.61 12.61 32.07
CA LYS D 63 12.05 12.01 33.32
C LYS D 63 10.97 12.03 34.41
N ALA D 64 10.11 13.07 34.39
CA ALA D 64 8.99 13.21 35.35
C ALA D 64 7.75 12.39 35.01
N LEU D 65 7.51 12.14 33.72
CA LEU D 65 6.34 11.38 33.28
C LEU D 65 6.55 9.87 33.47
N HIS D 66 5.57 9.20 34.08
CA HIS D 66 5.59 7.74 34.28
C HIS D 66 4.30 7.09 33.75
N SER D 67 4.44 6.26 32.72
CA SER D 67 3.30 5.52 32.17
C SER D 67 3.75 4.38 31.27
N ASP D 68 2.89 3.37 31.14
CA ASP D 68 3.11 2.29 30.17
C ASP D 68 3.08 2.82 28.73
N PHE D 69 2.36 3.92 28.48
CA PHE D 69 2.10 4.43 27.13
C PHE D 69 2.85 5.73 26.76
N ILE D 70 3.89 6.06 27.53
CA ILE D 70 4.80 7.15 27.22
C ILE D 70 6.20 6.58 27.29
N VAL D 71 7.02 6.90 26.31
CA VAL D 71 8.36 6.32 26.16
C VAL D 71 9.26 6.65 27.36
N LYS D 72 9.90 5.62 27.89
CA LYS D 72 10.58 5.71 29.18
C LYS D 72 11.95 6.40 29.06
N TYR D 73 12.07 7.57 29.70
CA TYR D 73 13.37 8.17 30.04
C TYR D 73 14.29 7.14 30.66
N ARG D 74 15.56 7.13 30.26
CA ARG D 74 16.57 6.27 30.89
C ARG D 74 17.67 7.03 31.63
N GLY D 75 18.23 8.06 31.00
CA GLY D 75 19.29 8.85 31.63
C GLY D 75 19.76 10.05 30.83
N VAL D 76 20.95 10.54 31.17
CA VAL D 76 21.60 11.67 30.48
C VAL D 76 23.12 11.53 30.46
N SER D 77 23.76 12.11 29.44
CA SER D 77 25.22 12.33 29.44
C SER D 77 25.54 13.81 29.22
N TYR D 78 26.42 14.36 30.07
CA TYR D 78 26.73 15.79 30.09
C TYR D 78 27.94 16.16 29.23
N SER D 84 27.03 19.19 24.11
CA SER D 84 27.47 17.93 24.72
C SER D 84 26.41 17.16 25.54
N LEU D 85 25.28 17.81 25.83
CA LEU D 85 24.17 17.20 26.58
C LEU D 85 23.46 16.14 25.75
N ARG D 86 23.23 14.96 26.33
CA ARG D 86 22.63 13.83 25.60
C ARG D 86 21.58 13.10 26.43
N LEU D 87 20.34 13.07 25.92
CA LEU D 87 19.18 12.43 26.58
C LEU D 87 19.07 10.96 26.17
N VAL D 88 19.02 10.07 27.16
CA VAL D 88 18.96 8.63 26.90
C VAL D 88 17.56 8.07 27.22
N MET D 89 16.93 7.50 26.20
CA MET D 89 15.60 6.90 26.31
C MET D 89 15.71 5.42 25.99
N GLU D 90 14.66 4.68 26.30
CA GLU D 90 14.63 3.25 25.95
C GLU D 90 14.51 3.09 24.43
N TYR D 91 14.99 1.96 23.92
CA TYR D 91 15.00 1.67 22.49
C TYR D 91 13.91 0.65 22.13
N LEU D 92 12.88 1.12 21.43
CA LEU D 92 11.82 0.27 20.89
C LEU D 92 12.14 -0.08 19.42
N PRO D 93 12.70 -1.28 19.15
CA PRO D 93 13.11 -1.62 17.77
C PRO D 93 11.98 -1.68 16.73
N SER D 94 10.75 -1.93 17.16
CA SER D 94 9.59 -1.98 16.24
C SER D 94 9.27 -0.66 15.52
N GLY D 95 9.89 0.44 15.95
CA GLY D 95 9.81 1.70 15.21
C GLY D 95 8.49 2.35 15.50
N CYS D 96 8.05 3.21 14.59
CA CYS D 96 6.80 3.93 14.78
C CYS D 96 5.61 3.32 14.04
N LEU D 97 4.44 3.62 14.57
CA LEU D 97 3.16 3.08 14.13
C LEU D 97 2.83 3.40 12.66
N ARG D 98 3.25 4.57 12.18
CA ARG D 98 3.01 5.02 10.80
C ARG D 98 3.53 3.99 9.80
N ASP D 99 4.77 3.55 10.01
CA ASP D 99 5.40 2.51 9.19
C ASP D 99 4.82 1.12 9.48
N PHE D 100 4.65 0.81 10.77
CA PHE D 100 4.23 -0.51 11.24
C PHE D 100 2.84 -0.94 10.74
N LEU D 101 1.89 -0.01 10.76
CA LEU D 101 0.55 -0.26 10.23
C LEU D 101 0.52 -0.52 8.72
N GLN D 102 1.39 0.17 7.98
CA GLN D 102 1.48 -0.04 6.52
C GLN D 102 2.08 -1.42 6.18
N ARG D 103 3.19 -1.78 6.83
CA ARG D 103 3.84 -3.09 6.60
C ARG D 103 2.93 -4.29 6.94
N HIS D 104 2.25 -4.21 8.07
CA HIS D 104 1.40 -5.30 8.58
C HIS D 104 -0.11 -5.07 8.33
N ARG D 105 -0.45 -4.23 7.37
CA ARG D 105 -1.84 -3.85 7.11
C ARG D 105 -2.77 -5.06 6.97
N ALA D 106 -2.36 -6.04 6.17
CA ALA D 106 -3.19 -7.22 5.86
C ALA D 106 -3.54 -8.10 7.08
N ARG D 107 -2.73 -8.03 8.14
CA ARG D 107 -2.96 -8.79 9.38
C ARG D 107 -3.32 -7.93 10.61
N LEU D 108 -3.96 -6.77 10.40
CA LEU D 108 -4.35 -5.85 11.49
C LEU D 108 -5.84 -5.49 11.40
N ASP D 109 -6.64 -6.12 12.26
CA ASP D 109 -8.11 -5.91 12.24
C ASP D 109 -8.52 -4.63 12.99
N ALA D 110 -9.79 -4.24 12.83
CA ALA D 110 -10.33 -3.00 13.43
C ALA D 110 -10.25 -2.93 14.96
N SER D 111 -10.35 -4.08 15.63
CA SER D 111 -10.18 -4.17 17.08
C SER D 111 -8.72 -3.90 17.51
N ARG D 112 -7.77 -4.07 16.60
CA ARG D 112 -6.35 -3.76 16.83
C ARG D 112 -5.99 -2.27 16.58
N LEU D 113 -6.93 -1.50 16.03
CA LEU D 113 -6.76 -0.04 15.90
C LEU D 113 -7.40 0.67 17.07
N LEU D 114 -8.59 0.18 17.46
CA LEU D 114 -9.22 0.54 18.74
C LEU D 114 -8.25 0.36 19.90
N LEU D 115 -7.53 -0.78 19.89
CA LEU D 115 -6.50 -1.08 20.88
C LEU D 115 -5.51 0.06 21.03
N TYR D 116 -4.83 0.40 19.94
CA TYR D 116 -3.83 1.47 19.95
C TYR D 116 -4.47 2.81 20.30
N SER D 117 -5.68 3.03 19.79
CA SER D 117 -6.46 4.24 20.08
C SER D 117 -6.80 4.39 21.56
N SER D 118 -7.06 3.27 22.22
CA SER D 118 -7.27 3.23 23.67
C SER D 118 -5.98 3.57 24.42
N GLN D 119 -4.89 2.91 24.03
CA GLN D 119 -3.60 3.07 24.67
C GLN D 119 -3.03 4.49 24.54
N ILE D 120 -3.06 5.01 23.32
CA ILE D 120 -2.65 6.38 23.10
C ILE D 120 -3.54 7.27 23.97
N CYS D 121 -4.85 7.04 23.92
CA CYS D 121 -5.82 7.80 24.72
C CYS D 121 -5.52 7.77 26.23
N LYS D 122 -5.12 6.61 26.74
CA LYS D 122 -4.63 6.47 28.13
C LYS D 122 -3.30 7.20 28.38
N GLY D 123 -2.38 7.16 27.41
CA GLY D 123 -1.13 7.95 27.48
C GLY D 123 -1.40 9.45 27.55
N MET D 124 -2.23 9.93 26.62
CA MET D 124 -2.66 11.31 26.61
C MET D 124 -3.52 11.70 27.80
N GLU D 125 -4.33 10.77 28.33
CA GLU D 125 -5.11 11.06 29.54
C GLU D 125 -4.14 11.43 30.68
N TYR D 126 -3.01 10.73 30.74
CA TYR D 126 -1.98 10.98 31.75
C TYR D 126 -1.22 12.31 31.54
N LEU D 127 -0.88 12.65 30.29
CA LEU D 127 -0.18 13.93 30.03
C LEU D 127 -1.00 15.12 30.49
N GLY D 128 -2.25 15.14 30.07
CA GLY D 128 -3.19 16.15 30.52
C GLY D 128 -3.37 16.16 32.03
N SER D 129 -3.32 14.99 32.66
CA SER D 129 -3.37 14.92 34.13
C SER D 129 -2.12 15.57 34.76
N ARG D 130 -0.97 15.43 34.09
CA ARG D 130 0.27 16.13 34.47
C ARG D 130 0.36 17.58 33.91
N ARG D 131 -0.77 18.16 33.46
CA ARG D 131 -0.83 19.51 32.90
C ARG D 131 0.16 19.76 31.77
N CYS D 132 0.42 18.71 31.00
CA CYS D 132 1.42 18.73 29.94
C CYS D 132 0.69 18.65 28.60
N VAL D 133 1.08 19.50 27.65
CA VAL D 133 0.56 19.50 26.28
C VAL D 133 1.64 18.91 25.41
N HIS D 134 1.27 17.95 24.56
CA HIS D 134 2.24 17.32 23.66
C HIS D 134 2.60 18.21 22.46
N ARG D 135 1.59 18.85 21.87
CA ARG D 135 1.73 19.75 20.70
C ARG D 135 1.92 19.07 19.35
N ASP D 136 2.66 17.95 19.33
CA ASP D 136 2.95 17.22 18.08
C ASP D 136 2.53 15.75 18.19
N LEU D 137 1.32 15.51 18.67
CA LEU D 137 0.74 14.17 18.67
C LEU D 137 0.29 13.78 17.26
N ALA D 138 1.09 12.91 16.62
CA ALA D 138 0.82 12.40 15.29
C ALA D 138 1.42 11.01 15.16
N ALA D 139 0.78 10.14 14.36
CA ALA D 139 1.16 8.70 14.24
C ALA D 139 2.63 8.39 14.02
N ARG D 140 3.34 9.27 13.33
CA ARG D 140 4.80 9.20 13.19
C ARG D 140 5.55 9.22 14.54
N ASN D 141 4.97 9.94 15.52
CA ASN D 141 5.52 10.06 16.89
C ASN D 141 5.03 9.00 17.89
N ILE D 142 4.27 8.01 17.41
CA ILE D 142 3.78 6.91 18.23
C ILE D 142 4.69 5.70 17.99
N LEU D 143 5.25 5.15 19.06
CA LEU D 143 6.20 4.03 18.97
C LEU D 143 5.56 2.73 19.42
N VAL D 144 5.62 1.71 18.56
CA VAL D 144 5.15 0.37 18.91
C VAL D 144 6.18 -0.29 19.82
N GLU D 145 5.72 -0.85 20.95
CA GLU D 145 6.55 -1.67 21.84
C GLU D 145 6.42 -3.14 21.47
N SER D 146 5.20 -3.68 21.63
CA SER D 146 4.85 -5.06 21.21
C SER D 146 3.70 -5.01 20.21
N GLU D 147 3.28 -6.17 19.72
CA GLU D 147 2.15 -6.27 18.78
C GLU D 147 0.89 -5.56 19.31
N ALA D 148 0.63 -5.78 20.61
CA ALA D 148 -0.53 -5.20 21.29
C ALA D 148 -0.12 -4.23 22.39
N HIS D 149 0.84 -3.35 22.09
CA HIS D 149 1.26 -2.28 23.01
C HIS D 149 2.11 -1.18 22.34
N VAL D 150 1.66 0.07 22.43
CA VAL D 150 2.38 1.22 21.84
C VAL D 150 2.81 2.21 22.92
N LYS D 151 3.47 3.30 22.52
CA LYS D 151 4.02 4.33 23.44
C LYS D 151 4.19 5.67 22.73
N ILE D 152 3.54 6.72 23.25
CA ILE D 152 3.74 8.09 22.78
C ILE D 152 5.21 8.51 22.97
N ALA D 153 5.74 9.27 22.03
CA ALA D 153 7.17 9.62 22.01
C ALA D 153 7.44 11.03 21.49
N ASP D 154 8.69 11.45 21.67
CA ASP D 154 9.19 12.79 21.27
C ASP D 154 8.41 13.97 21.88
N PHE D 155 8.95 14.49 22.97
CA PHE D 155 8.39 15.66 23.65
C PHE D 155 9.22 16.92 23.34
N GLY D 156 9.79 16.97 22.13
CA GLY D 156 10.65 18.08 21.71
C GLY D 156 9.92 19.42 21.67
N LEU D 157 8.65 19.37 21.34
CA LEU D 157 7.78 20.54 21.28
C LEU D 157 6.80 20.62 22.45
N ALA D 158 6.69 19.57 23.27
CA ALA D 158 5.74 19.54 24.39
C ALA D 158 5.96 20.67 25.40
N LYS D 159 4.85 21.27 25.84
CA LYS D 159 4.84 22.44 26.71
C LYS D 159 4.08 22.13 27.98
N LEU D 160 4.46 22.73 29.10
CA LEU D 160 3.69 22.60 30.33
C LEU D 160 2.81 23.82 30.52
N LEU D 161 1.56 23.57 30.90
CA LEU D 161 0.57 24.60 31.09
C LEU D 161 0.95 25.43 32.30
N PRO D 162 0.72 26.75 32.26
CA PRO D 162 0.91 27.52 33.48
C PRO D 162 -0.15 27.17 34.52
N LEU D 163 0.15 27.37 35.79
CA LEU D 163 -0.76 26.98 36.86
C LEU D 163 -2.00 27.91 36.97
N ASP D 164 -1.87 29.16 36.52
CA ASP D 164 -2.98 30.12 36.54
C ASP D 164 -3.90 30.13 35.29
N LYS D 165 -3.70 29.19 34.35
CA LYS D 165 -4.49 29.15 33.10
C LYS D 165 -4.44 27.81 32.37
N ASP D 166 -5.38 27.59 31.45
CA ASP D 166 -5.55 26.28 30.77
C ASP D 166 -5.08 26.24 29.30
N VAL D 169 0.15 29.99 24.36
CA VAL D 169 0.27 30.74 23.11
C VAL D 169 1.64 30.42 22.51
N VAL D 170 1.78 30.52 21.18
CA VAL D 170 3.07 30.35 20.49
C VAL D 170 3.12 31.08 19.14
N SER D 176 6.69 20.96 11.47
CA SER D 176 5.51 20.80 12.31
C SER D 176 4.23 20.96 11.46
N PRO D 177 3.91 19.96 10.60
CA PRO D 177 2.81 20.06 9.63
C PRO D 177 1.45 20.54 10.19
N ILE D 178 0.84 21.47 9.47
CA ILE D 178 -0.36 22.18 9.92
C ILE D 178 -1.63 21.30 9.93
N PHE D 179 -1.59 20.22 9.17
CA PHE D 179 -2.77 19.37 8.96
C PHE D 179 -3.29 18.70 10.25
N TRP D 180 -2.45 18.68 11.30
CA TRP D 180 -2.81 18.16 12.63
C TRP D 180 -3.35 19.23 13.58
N TYR D 181 -2.92 20.48 13.40
CA TYR D 181 -3.30 21.55 14.32
C TYR D 181 -4.79 21.88 14.25
N ALA D 182 -5.34 22.31 15.39
CA ALA D 182 -6.73 22.75 15.48
C ALA D 182 -6.86 24.19 14.98
N PRO D 183 -8.10 24.67 14.72
CA PRO D 183 -8.32 26.08 14.32
C PRO D 183 -7.65 27.13 15.21
N GLU D 184 -7.74 26.96 16.53
CA GLU D 184 -7.13 27.92 17.49
C GLU D 184 -5.61 27.91 17.39
N SER D 185 -5.04 26.73 17.18
CA SER D 185 -3.60 26.57 16.91
C SER D 185 -3.17 27.21 15.57
N LEU D 186 -4.01 27.02 14.54
CA LEU D 186 -3.73 27.57 13.21
C LEU D 186 -3.96 29.09 13.13
N SER D 187 -5.04 29.57 13.75
CA SER D 187 -5.45 30.97 13.64
C SER D 187 -4.58 31.93 14.47
N ASP D 188 -4.62 31.76 15.79
CA ASP D 188 -3.87 32.62 16.73
C ASP D 188 -2.99 31.82 17.72
N ASN D 189 -2.41 30.72 17.23
CA ASN D 189 -1.40 29.94 17.96
C ASN D 189 -1.70 29.58 19.42
N ILE D 190 -2.99 29.38 19.72
CA ILE D 190 -3.42 28.91 21.04
C ILE D 190 -3.29 27.40 21.03
N PHE D 191 -2.61 26.84 22.02
CA PHE D 191 -2.47 25.39 22.19
C PHE D 191 -2.91 24.99 23.60
N SER D 192 -3.53 23.82 23.71
CA SER D 192 -4.01 23.30 24.97
C SER D 192 -4.33 21.81 24.85
N ARG D 193 -4.61 21.19 26.00
CA ARG D 193 -5.08 19.80 26.09
C ARG D 193 -6.21 19.51 25.09
N GLN D 194 -7.13 20.47 24.95
CA GLN D 194 -8.24 20.40 23.97
C GLN D 194 -7.70 20.38 22.53
N SER D 195 -6.70 21.20 22.26
CA SER D 195 -6.00 21.17 20.96
C SER D 195 -5.34 19.81 20.69
N ASP D 196 -4.86 19.16 21.74
CA ASP D 196 -4.32 17.80 21.64
C ASP D 196 -5.42 16.81 21.26
N VAL D 197 -6.66 17.06 21.71
CA VAL D 197 -7.78 16.19 21.35
C VAL D 197 -8.08 16.29 19.85
N TRP D 198 -8.11 17.53 19.32
CA TRP D 198 -8.29 17.73 17.87
C TRP D 198 -7.24 16.95 17.09
N SER D 199 -5.99 17.09 17.52
CA SER D 199 -4.88 16.34 16.94
C SER D 199 -5.17 14.85 17.03
N PHE D 200 -5.60 14.39 18.21
CA PHE D 200 -6.02 12.99 18.39
C PHE D 200 -7.10 12.55 17.40
N GLY D 201 -7.98 13.48 16.99
CA GLY D 201 -8.90 13.18 15.89
C GLY D 201 -8.16 12.65 14.66
N VAL D 202 -7.09 13.36 14.26
CA VAL D 202 -6.30 12.99 13.05
C VAL D 202 -5.49 11.71 13.28
N VAL D 203 -5.17 11.41 14.54
CA VAL D 203 -4.52 10.15 14.87
C VAL D 203 -5.42 8.97 14.51
N LEU D 204 -6.72 9.10 14.80
CA LEU D 204 -7.69 8.05 14.45
C LEU D 204 -7.97 7.97 12.94
N TYR D 205 -7.93 9.11 12.26
CA TYR D 205 -8.03 9.15 10.79
C TYR D 205 -6.80 8.46 10.19
N GLU D 206 -5.64 8.71 10.77
CA GLU D 206 -4.39 8.04 10.36
C GLU D 206 -4.54 6.55 10.52
N LEU D 207 -4.91 6.17 11.73
CA LEU D 207 -5.03 4.79 12.17
C LEU D 207 -6.00 3.97 11.35
N PHE D 208 -7.20 4.50 11.15
CA PHE D 208 -8.27 3.83 10.36
C PHE D 208 -8.20 3.99 8.83
N THR D 209 -7.26 4.78 8.32
CA THR D 209 -6.82 4.74 6.91
C THR D 209 -5.58 3.82 6.77
N TYR D 210 -5.10 3.29 7.90
CA TYR D 210 -3.82 2.57 7.99
C TYR D 210 -2.64 3.41 7.50
N CYS D 211 -2.70 4.72 7.75
CA CYS D 211 -1.69 5.68 7.32
C CYS D 211 -1.33 5.59 5.84
N ASP D 212 -2.35 5.39 5.00
CA ASP D 212 -2.18 5.36 3.55
C ASP D 212 -1.73 6.76 3.10
N LYS D 213 -0.90 6.79 2.05
CA LYS D 213 -0.28 8.04 1.56
C LYS D 213 -1.18 8.75 0.55
N SER D 214 -1.88 7.97 -0.28
CA SER D 214 -2.82 8.50 -1.27
C SER D 214 -4.01 9.26 -0.65
N CYS D 215 -4.44 8.86 0.55
CA CYS D 215 -5.59 9.46 1.23
C CYS D 215 -5.27 10.09 2.60
N SER D 216 -3.98 10.36 2.86
CA SER D 216 -3.51 10.99 4.12
C SER D 216 -4.14 12.37 4.35
N PRO D 217 -4.05 12.92 5.59
CA PRO D 217 -4.58 14.27 5.87
C PRO D 217 -4.13 15.39 4.92
N SER D 218 -2.86 15.40 4.53
CA SER D 218 -2.35 16.35 3.52
C SER D 218 -2.91 16.07 2.13
N ALA D 219 -2.79 14.81 1.71
CA ALA D 219 -3.38 14.32 0.45
C ALA D 219 -4.86 14.69 0.33
N GLU D 220 -5.58 14.60 1.45
CA GLU D 220 -7.00 14.95 1.51
C GLU D 220 -7.26 16.47 1.68
N PHE D 221 -6.44 17.16 2.49
CA PHE D 221 -6.60 18.62 2.65
C PHE D 221 -6.18 19.41 1.38
N LEU D 222 -5.07 19.00 0.76
CA LEU D 222 -4.65 19.56 -0.55
C LEU D 222 -5.72 19.39 -1.66
N ARG D 223 -6.53 18.34 -1.53
CA ARG D 223 -7.70 18.11 -2.40
C ARG D 223 -8.70 19.28 -2.32
N MET D 224 -9.21 19.57 -1.13
CA MET D 224 -10.15 20.70 -0.93
C MET D 224 -9.40 22.00 -0.62
N PRO D 232 -1.67 31.09 -0.46
CA PRO D 232 -1.16 30.83 0.89
C PRO D 232 -1.76 29.56 1.49
N ALA D 233 -0.90 28.70 2.05
CA ALA D 233 -1.33 27.40 2.57
C ALA D 233 -2.17 27.55 3.82
N LEU D 234 -1.59 28.16 4.84
CA LEU D 234 -2.19 28.29 6.18
C LEU D 234 -3.50 29.09 6.22
N SER D 235 -3.65 30.06 5.31
CA SER D 235 -4.89 30.86 5.21
C SER D 235 -6.08 30.03 4.72
N ARG D 236 -5.86 29.30 3.62
CA ARG D 236 -6.90 28.43 3.04
C ARG D 236 -7.24 27.25 3.95
N LEU D 237 -6.28 26.77 4.73
CA LEU D 237 -6.54 25.66 5.66
C LEU D 237 -7.46 26.08 6.82
N LEU D 238 -7.26 27.30 7.33
CA LEU D 238 -8.10 27.85 8.40
C LEU D 238 -9.53 28.11 7.93
N GLU D 239 -9.67 28.74 6.76
CA GLU D 239 -10.99 29.04 6.21
C GLU D 239 -11.82 27.77 5.99
N LEU D 240 -11.16 26.72 5.49
CA LEU D 240 -11.80 25.45 5.19
C LEU D 240 -12.31 24.74 6.44
N LEU D 241 -11.54 24.83 7.53
CA LEU D 241 -11.95 24.32 8.85
C LEU D 241 -12.99 25.24 9.50
N GLU D 242 -12.79 26.56 9.44
CA GLU D 242 -13.75 27.56 9.97
C GLU D 242 -15.19 27.33 9.49
N GLU D 243 -15.36 27.05 8.18
CA GLU D 243 -16.67 26.72 7.60
C GLU D 243 -17.22 25.34 8.01
N GLY D 244 -16.32 24.45 8.45
CA GLY D 244 -16.67 23.11 8.95
C GLY D 244 -16.46 21.97 7.96
N GLN D 245 -15.80 22.25 6.84
CA GLN D 245 -15.57 21.26 5.80
C GLN D 245 -14.41 20.36 6.22
N ARG D 246 -14.74 19.22 6.83
CA ARG D 246 -13.75 18.33 7.50
C ARG D 246 -13.18 17.23 6.59
N LEU D 247 -12.18 16.51 7.13
CA LEU D 247 -11.73 15.24 6.56
C LEU D 247 -12.88 14.21 6.58
N PRO D 248 -12.96 13.35 5.55
CA PRO D 248 -14.05 12.37 5.44
C PRO D 248 -13.85 11.18 6.39
N ALA D 249 -14.68 10.16 6.25
CA ALA D 249 -14.44 8.87 6.89
C ALA D 249 -13.34 8.15 6.11
N PRO D 250 -12.44 7.43 6.82
CA PRO D 250 -11.57 6.44 6.17
C PRO D 250 -12.35 5.30 5.53
N PRO D 251 -11.78 4.64 4.51
CA PRO D 251 -12.45 3.44 3.98
C PRO D 251 -12.25 2.28 4.97
N ALA D 252 -13.28 1.45 5.14
CA ALA D 252 -13.33 0.43 6.19
C ALA D 252 -13.19 1.07 7.59
N CYS D 253 -14.26 1.76 7.97
CA CYS D 253 -14.33 2.51 9.23
C CYS D 253 -15.72 2.37 9.85
N PRO D 254 -15.82 1.79 11.06
CA PRO D 254 -17.13 1.71 11.74
C PRO D 254 -17.69 3.10 12.06
N ALA D 255 -18.98 3.29 11.76
CA ALA D 255 -19.67 4.59 11.86
C ALA D 255 -19.47 5.29 13.21
N GLU D 256 -19.39 4.50 14.29
CA GLU D 256 -19.16 5.01 15.65
C GLU D 256 -17.71 5.45 15.94
N VAL D 257 -16.78 5.13 15.05
CA VAL D 257 -15.40 5.65 15.14
C VAL D 257 -15.37 7.05 14.51
N HIS D 258 -15.99 7.15 13.33
CA HIS D 258 -16.12 8.41 12.60
C HIS D 258 -16.73 9.54 13.44
N GLU D 259 -17.69 9.21 14.32
CA GLU D 259 -18.36 10.21 15.17
C GLU D 259 -17.44 10.76 16.27
N LEU D 260 -16.65 9.87 16.88
CA LEU D 260 -15.62 10.30 17.83
C LEU D 260 -14.65 11.29 17.17
N MET D 261 -14.35 11.09 15.87
CA MET D 261 -13.48 12.03 15.15
C MET D 261 -14.13 13.40 15.02
N LYS D 262 -15.39 13.41 14.55
CA LYS D 262 -16.19 14.66 14.50
C LYS D 262 -16.26 15.36 15.86
N LEU D 263 -16.48 14.59 16.92
CA LEU D 263 -16.50 15.13 18.30
C LEU D 263 -15.15 15.72 18.73
N CYS D 264 -14.06 15.04 18.36
CA CYS D 264 -12.72 15.57 18.59
C CYS D 264 -12.45 16.81 17.74
N TRP D 265 -13.04 16.87 16.54
CA TRP D 265 -12.93 18.02 15.63
C TRP D 265 -14.07 19.04 15.78
N ALA D 266 -14.59 19.24 16.99
CA ALA D 266 -15.66 20.22 17.23
C ALA D 266 -15.12 21.65 17.06
N PRO D 267 -15.95 22.59 16.58
CA PRO D 267 -15.47 23.97 16.43
C PRO D 267 -14.81 24.55 17.70
N SER D 268 -15.53 24.50 18.82
CA SER D 268 -15.07 25.13 20.06
C SER D 268 -14.25 24.14 20.89
N PRO D 269 -13.18 24.61 21.58
CA PRO D 269 -12.43 23.70 22.47
C PRO D 269 -13.31 23.03 23.53
N GLN D 270 -14.13 23.84 24.19
CA GLN D 270 -15.07 23.39 25.23
C GLN D 270 -15.98 22.21 24.84
N ASP D 271 -16.42 22.18 23.59
CA ASP D 271 -17.36 21.14 23.13
C ASP D 271 -16.69 19.81 22.79
N ARG D 272 -15.36 19.83 22.65
CA ARG D 272 -14.58 18.61 22.40
C ARG D 272 -14.58 17.73 23.67
N PRO D 273 -14.66 16.40 23.50
CA PRO D 273 -14.67 15.53 24.67
C PRO D 273 -13.26 15.36 25.21
N SER D 274 -13.16 15.05 26.51
CA SER D 274 -11.90 14.77 27.14
C SER D 274 -11.49 13.32 26.90
N PHE D 275 -10.20 13.04 27.08
CA PHE D 275 -9.66 11.67 27.00
C PHE D 275 -10.18 10.67 28.05
N SER D 276 -10.82 11.18 29.11
CA SER D 276 -11.54 10.33 30.08
C SER D 276 -12.96 9.99 29.63
N ALA D 277 -13.44 10.67 28.59
CA ALA D 277 -14.68 10.29 27.90
C ALA D 277 -14.38 9.44 26.67
N LEU D 278 -13.33 9.78 25.93
CA LEU D 278 -12.98 9.08 24.69
C LEU D 278 -12.48 7.68 24.93
N GLY D 279 -11.65 7.50 25.97
CA GLY D 279 -11.12 6.17 26.36
C GLY D 279 -12.14 5.04 26.50
N PRO D 280 -13.07 5.13 27.47
CA PRO D 280 -14.09 4.08 27.65
C PRO D 280 -14.94 3.87 26.39
N GLN D 281 -15.34 4.96 25.76
CA GLN D 281 -16.03 4.92 24.46
C GLN D 281 -15.26 4.19 23.37
N LEU D 282 -13.93 4.24 23.40
CA LEU D 282 -13.10 3.43 22.51
C LEU D 282 -13.13 1.97 22.94
N ASP D 283 -12.83 1.74 24.22
CA ASP D 283 -12.70 0.38 24.78
C ASP D 283 -13.93 -0.51 24.69
N MET D 284 -15.12 0.10 24.72
CA MET D 284 -16.38 -0.65 24.69
C MET D 284 -16.91 -0.93 23.27
N LEU D 285 -16.14 -0.55 22.24
CA LEU D 285 -16.42 -0.97 20.87
C LEU D 285 -15.91 -2.39 20.63
#